data_3KAE
#
_entry.id   3KAE
#
_cell.length_a   34.720
_cell.length_b   81.890
_cell.length_c   87.445
_cell.angle_alpha   101.430
_cell.angle_beta   90.070
_cell.angle_gamma   89.990
#
_symmetry.space_group_name_H-M   'P 1'
#
loop_
_entity.id
_entity.type
_entity.pdbx_description
1 polymer 'Possible protein of nuclear scaffold'
2 non-polymer GLYCEROL
3 non-polymer 'CHLORIDE ION'
4 non-polymer 'SULFATE ION'
5 water water
#
_entity_poly.entity_id   1
_entity_poly.type   'polypeptide(L)'
_entity_poly.pdbx_seq_one_letter_code
;MDSKLIGKICKSIRYRDYETAIFLAACLLPCKPEYRMLMSIVLYLNGEYTRALFHLHKLNTCTSKYYESLCYKKKKDYKK
AIKSLESILEGKVERDPDVDARIQEMFVDPGDEEFFESLLGDLCTLSGYREEGIGHYVRSFGKSFLFSPVENLLLENKVP
QKRDKENVRQTGRRGIEEEYVSDSIEFHESLSPSLVKKYMEHVPGIGSYFISNAARRYFNLGMNDKSKACFELVRRKDPM
FL
;
_entity_poly.pdbx_strand_id   A,B,C,D
#
loop_
_chem_comp.id
_chem_comp.type
_chem_comp.name
_chem_comp.formula
CL non-polymer 'CHLORIDE ION' 'Cl -1'
GOL non-polymer GLYCEROL 'C3 H8 O3'
SO4 non-polymer 'SULFATE ION' 'O4 S -2'
#
# COMPACT_ATOMS: atom_id res chain seq x y z
N SER A 3 4.99 -5.53 42.57
CA SER A 3 4.55 -6.89 42.29
C SER A 3 4.56 -7.20 40.79
N LYS A 4 4.73 -8.48 40.48
CA LYS A 4 4.68 -8.95 39.10
C LYS A 4 3.31 -8.76 38.50
N LEU A 5 2.32 -8.54 39.37
CA LEU A 5 0.94 -8.30 38.93
C LEU A 5 0.80 -7.06 38.03
N ILE A 6 1.69 -6.08 38.20
CA ILE A 6 1.66 -4.88 37.39
C ILE A 6 1.85 -5.20 35.90
N GLY A 7 2.99 -5.81 35.58
CA GLY A 7 3.28 -6.15 34.20
C GLY A 7 2.13 -6.90 33.55
N LYS A 8 1.47 -7.75 34.32
CA LYS A 8 0.37 -8.55 33.82
C LYS A 8 -0.87 -7.70 33.56
N ILE A 9 -1.13 -6.74 34.43
CA ILE A 9 -2.25 -5.85 34.25
C ILE A 9 -2.05 -4.99 32.98
N CYS A 10 -0.85 -4.42 32.81
CA CYS A 10 -0.55 -3.62 31.61
C CYS A 10 -0.77 -4.47 30.41
N LYS A 11 -0.28 -5.71 30.47
CA LYS A 11 -0.42 -6.60 29.34
C LYS A 11 -1.89 -6.83 29.02
N SER A 12 -2.72 -6.90 30.05
CA SER A 12 -4.14 -7.19 29.84
C SER A 12 -4.88 -5.98 29.25
N ILE A 13 -4.42 -4.81 29.62
CA ILE A 13 -4.99 -3.57 29.10
C ILE A 13 -4.66 -3.48 27.61
N ARG A 14 -3.37 -3.61 27.32
CA ARG A 14 -2.92 -3.69 25.94
C ARG A 14 -3.68 -4.72 25.11
N TYR A 15 -4.17 -5.79 25.72
CA TYR A 15 -4.96 -6.76 24.95
C TYR A 15 -6.45 -6.50 25.06
N ARG A 16 -6.81 -5.45 25.79
CA ARG A 16 -8.24 -5.15 25.96
C ARG A 16 -8.97 -6.28 26.71
N ASP A 17 -8.18 -7.08 27.44
CA ASP A 17 -8.74 -8.07 28.34
C ASP A 17 -8.93 -7.38 29.69
N TYR A 18 -10.05 -6.68 29.83
CA TYR A 18 -10.24 -5.82 30.98
C TYR A 18 -10.68 -6.60 32.24
N GLU A 19 -11.52 -7.62 32.06
CA GLU A 19 -11.91 -8.49 33.18
C GLU A 19 -10.67 -8.99 33.94
N THR A 20 -9.69 -9.50 33.21
CA THR A 20 -8.45 -9.91 33.86
C THR A 20 -7.79 -8.76 34.62
N ALA A 21 -7.78 -7.59 34.00
CA ALA A 21 -7.10 -6.44 34.60
C ALA A 21 -7.83 -6.00 35.87
N ILE A 22 -9.15 -6.00 35.80
CA ILE A 22 -9.96 -5.69 36.96
C ILE A 22 -9.70 -6.70 38.11
N PHE A 23 -9.72 -8.00 37.79
CA PHE A 23 -9.42 -9.03 38.76
C PHE A 23 -8.03 -8.89 39.35
N LEU A 24 -7.00 -8.81 38.50
CA LEU A 24 -5.65 -8.65 38.97
C LEU A 24 -5.48 -7.36 39.77
N ALA A 25 -6.27 -6.35 39.43
CA ALA A 25 -6.20 -5.09 40.14
C ALA A 25 -6.78 -5.28 41.53
N ALA A 26 -7.89 -6.02 41.59
CA ALA A 26 -8.57 -6.30 42.85
C ALA A 26 -7.66 -7.03 43.85
N CYS A 27 -6.77 -7.88 43.33
CA CYS A 27 -5.80 -8.60 44.14
C CYS A 27 -4.77 -7.66 44.73
N LEU A 28 -4.49 -6.59 44.00
CA LEU A 28 -3.36 -5.72 44.30
C LEU A 28 -3.73 -4.67 45.34
N LEU A 29 -5.01 -4.31 45.41
CA LEU A 29 -5.49 -3.35 46.41
C LEU A 29 -4.82 -3.50 47.78
N GLU A 34 -3.50 2.00 47.21
CA GLU A 34 -3.04 3.29 46.70
C GLU A 34 -3.01 3.21 45.18
N TYR A 35 -2.58 2.05 44.69
CA TYR A 35 -2.72 1.70 43.29
C TYR A 35 -4.20 1.51 42.99
N ARG A 36 -5.03 2.23 43.75
CA ARG A 36 -6.48 2.16 43.59
C ARG A 36 -6.91 2.96 42.38
N MET A 37 -6.07 3.92 41.98
CA MET A 37 -6.27 4.68 40.76
C MET A 37 -6.38 3.71 39.59
N LEU A 38 -5.44 2.76 39.53
CA LEU A 38 -5.34 1.80 38.44
C LEU A 38 -6.61 0.97 38.27
N MET A 39 -7.17 0.58 39.41
CA MET A 39 -8.43 -0.12 39.44
C MET A 39 -9.53 0.73 38.82
N SER A 40 -9.56 1.99 39.23
CA SER A 40 -10.54 2.95 38.73
C SER A 40 -10.44 3.09 37.20
N ILE A 41 -9.22 3.22 36.70
CA ILE A 41 -8.98 3.35 35.27
C ILE A 41 -9.48 2.15 34.46
N VAL A 42 -8.99 0.98 34.81
CA VAL A 42 -9.41 -0.25 34.16
C VAL A 42 -10.94 -0.44 34.21
N LEU A 43 -11.56 -0.01 35.29
CA LEU A 43 -13.01 -0.05 35.40
C LEU A 43 -13.63 0.95 34.41
N TYR A 44 -13.01 2.13 34.31
CA TYR A 44 -13.47 3.12 33.35
C TYR A 44 -13.37 2.57 31.93
N LEU A 45 -12.21 2.00 31.59
CA LEU A 45 -12.00 1.46 30.25
C LEU A 45 -13.01 0.36 29.93
N ASN A 46 -13.47 -0.36 30.94
CA ASN A 46 -14.39 -1.48 30.72
C ASN A 46 -15.84 -1.00 30.67
N GLY A 47 -16.03 0.31 30.71
CA GLY A 47 -17.36 0.88 30.60
C GLY A 47 -18.11 0.95 31.93
N GLU A 48 -17.42 0.74 33.06
CA GLU A 48 -18.09 0.62 34.36
C GLU A 48 -17.91 1.85 35.24
N TYR A 49 -18.68 2.89 34.94
CA TYR A 49 -18.47 4.22 35.52
C TYR A 49 -18.93 4.32 36.97
N THR A 50 -20.07 3.74 37.29
CA THR A 50 -20.56 3.76 38.66
C THR A 50 -19.61 3.00 39.58
N ARG A 51 -19.09 1.88 39.10
CA ARG A 51 -18.13 1.11 39.89
C ARG A 51 -16.82 1.87 40.06
N ALA A 52 -16.43 2.60 39.01
CA ALA A 52 -15.16 3.31 39.05
C ALA A 52 -15.27 4.48 40.00
N LEU A 53 -16.47 5.04 40.10
CA LEU A 53 -16.70 6.16 41.00
C LEU A 53 -16.56 5.71 42.46
N PHE A 54 -17.07 4.53 42.75
CA PHE A 54 -16.95 3.97 44.09
C PHE A 54 -15.49 4.02 44.53
N HIS A 55 -14.58 3.57 43.68
CA HIS A 55 -13.16 3.59 44.05
C HIS A 55 -12.59 5.00 44.06
N LEU A 56 -13.09 5.83 43.16
CA LEU A 56 -12.56 7.18 42.97
C LEU A 56 -12.89 8.08 44.14
N HIS A 57 -14.07 7.90 44.71
CA HIS A 57 -14.46 8.69 45.89
C HIS A 57 -13.45 8.56 47.02
N LYS A 58 -12.79 7.40 47.08
CA LYS A 58 -11.83 7.13 48.14
C LYS A 58 -10.51 7.84 47.89
N LEU A 59 -10.43 8.56 46.78
CA LEU A 59 -9.19 9.23 46.40
C LEU A 59 -9.37 10.74 46.23
N ASN A 60 -8.26 11.45 46.10
CA ASN A 60 -8.29 12.87 45.78
C ASN A 60 -7.00 13.36 45.13
N THR A 61 -6.79 13.01 43.86
CA THR A 61 -5.65 13.53 43.10
C THR A 61 -6.14 14.10 41.80
N CYS A 62 -5.24 14.75 41.06
CA CYS A 62 -5.59 15.27 39.75
C CYS A 62 -6.13 14.14 38.87
N THR A 63 -5.46 13.00 38.89
CA THR A 63 -5.89 11.87 38.05
C THR A 63 -7.24 11.32 38.48
N SER A 64 -7.47 11.26 39.78
CA SER A 64 -8.71 10.68 40.30
C SER A 64 -9.89 11.61 39.99
N LYS A 65 -9.71 12.90 40.25
CA LYS A 65 -10.74 13.89 39.98
C LYS A 65 -11.03 14.00 38.48
N TYR A 66 -10.00 13.85 37.66
CA TYR A 66 -10.19 13.78 36.23
C TYR A 66 -11.08 12.61 35.79
N TYR A 67 -10.72 11.39 36.20
CA TYR A 67 -11.54 10.22 35.87
C TYR A 67 -12.90 10.31 36.50
N GLU A 68 -12.95 10.96 37.66
CA GLU A 68 -14.23 11.21 38.30
C GLU A 68 -15.12 12.00 37.35
N SER A 69 -14.59 13.11 36.82
CA SER A 69 -15.32 13.94 35.88
C SER A 69 -15.76 13.15 34.64
N LEU A 70 -14.88 12.29 34.14
CA LEU A 70 -15.24 11.48 32.98
C LEU A 70 -16.42 10.59 33.27
N CYS A 71 -16.38 9.95 34.45
CA CYS A 71 -17.41 8.98 34.82
C CYS A 71 -18.69 9.74 34.97
N TYR A 72 -18.61 10.89 35.64
CA TYR A 72 -19.81 11.72 35.84
C TYR A 72 -20.41 12.17 34.51
N LYS A 73 -19.55 12.43 33.54
CA LYS A 73 -20.01 12.89 32.24
C LYS A 73 -20.71 11.77 31.49
N LYS A 74 -20.15 10.56 31.55
CA LYS A 74 -20.85 9.38 31.02
C LYS A 74 -22.24 9.22 31.61
N LYS A 75 -22.36 9.55 32.89
CA LYS A 75 -23.61 9.37 33.63
C LYS A 75 -24.46 10.63 33.54
N LYS A 76 -23.99 11.58 32.74
CA LYS A 76 -24.69 12.86 32.51
C LYS A 76 -24.92 13.67 33.77
N ASP A 77 -24.15 13.40 34.83
CA ASP A 77 -24.19 14.24 36.03
C ASP A 77 -23.21 15.40 35.82
N TYR A 78 -23.63 16.38 35.03
CA TYR A 78 -22.71 17.42 34.59
C TYR A 78 -22.24 18.32 35.73
N LYS A 79 -23.11 18.58 36.70
CA LYS A 79 -22.73 19.44 37.82
C LYS A 79 -21.58 18.82 38.62
N LYS A 80 -21.62 17.50 38.76
CA LYS A 80 -20.57 16.81 39.51
C LYS A 80 -19.30 16.72 38.66
N ALA A 81 -19.47 16.36 37.38
CA ALA A 81 -18.35 16.39 36.43
C ALA A 81 -17.60 17.73 36.52
N ILE A 82 -18.34 18.83 36.42
CA ILE A 82 -17.76 20.16 36.53
C ILE A 82 -17.06 20.37 37.87
N LYS A 83 -17.76 20.07 38.95
CA LYS A 83 -17.19 20.26 40.28
C LYS A 83 -15.85 19.51 40.41
N SER A 84 -15.80 18.29 39.86
CA SER A 84 -14.61 17.46 39.97
C SER A 84 -13.41 18.09 39.28
N LEU A 85 -13.64 18.63 38.09
CA LEU A 85 -12.58 19.27 37.31
C LEU A 85 -12.06 20.53 38.00
N GLU A 86 -12.98 21.34 38.53
CA GLU A 86 -12.61 22.60 39.14
C GLU A 86 -11.67 22.37 40.31
N SER A 87 -11.88 21.26 41.03
CA SER A 87 -10.99 20.88 42.12
C SER A 87 -9.54 20.89 41.65
N ILE A 88 -9.30 20.40 40.44
CA ILE A 88 -7.95 20.36 39.89
C ILE A 88 -7.48 21.77 39.57
N LEU A 89 -8.23 22.45 38.70
CA LEU A 89 -7.87 23.78 38.24
C LEU A 89 -7.74 24.76 39.40
N GLU A 90 -8.54 24.54 40.44
CA GLU A 90 -8.47 25.36 41.65
C GLU A 90 -7.37 24.87 42.58
N GLY A 91 -6.70 23.79 42.19
CA GLY A 91 -5.57 23.28 42.94
C GLY A 91 -5.87 22.75 44.34
N LYS A 92 -6.96 22.00 44.48
CA LYS A 92 -7.32 21.42 45.77
C LYS A 92 -7.18 19.88 45.77
N VAL A 93 -6.20 19.38 45.02
CA VAL A 93 -5.94 17.94 44.96
C VAL A 93 -4.47 17.66 45.28
N GLU A 94 -4.18 16.44 45.71
CA GLU A 94 -2.81 16.05 46.03
C GLU A 94 -2.08 15.52 44.80
N ARG A 95 -0.75 15.50 44.88
CA ARG A 95 0.08 14.86 43.87
C ARG A 95 -0.14 13.35 43.93
N ASP A 96 -0.32 12.73 42.76
CA ASP A 96 -0.43 11.28 42.71
C ASP A 96 0.79 10.62 43.36
N PRO A 97 0.62 9.40 43.86
CA PRO A 97 1.72 8.66 44.48
C PRO A 97 2.82 8.30 43.48
N ASP A 98 4.06 8.26 43.94
CA ASP A 98 5.14 7.67 43.16
C ASP A 98 4.78 6.21 42.95
N VAL A 99 4.62 5.81 41.70
CA VAL A 99 4.22 4.43 41.39
C VAL A 99 5.11 3.80 40.32
N ASP A 100 4.89 2.52 40.05
CA ASP A 100 5.56 1.86 38.95
C ASP A 100 5.48 2.75 37.70
N ALA A 101 6.56 2.82 36.94
CA ALA A 101 6.64 3.69 35.78
C ALA A 101 5.57 3.41 34.73
N ARG A 102 5.18 2.14 34.61
CA ARG A 102 4.18 1.75 33.62
C ARG A 102 2.81 2.29 34.00
N ILE A 103 2.59 2.43 35.30
CA ILE A 103 1.35 2.98 35.82
C ILE A 103 1.36 4.51 35.75
N GLN A 104 2.51 5.10 36.04
CA GLN A 104 2.66 6.55 36.09
C GLN A 104 2.20 7.15 34.78
N GLU A 105 2.58 6.48 33.68
CA GLU A 105 2.24 6.95 32.34
C GLU A 105 0.76 7.17 32.12
N MET A 106 -0.07 6.48 32.91
CA MET A 106 -1.51 6.57 32.75
C MET A 106 -2.08 7.71 33.57
N PHE A 107 -1.18 8.46 34.22
CA PHE A 107 -1.61 9.52 35.10
C PHE A 107 -1.67 10.88 34.44
N VAL A 108 -2.41 11.77 35.08
CA VAL A 108 -2.73 13.09 34.55
C VAL A 108 -1.82 14.16 35.13
N ASP A 109 -1.18 14.94 34.26
CA ASP A 109 -0.33 16.05 34.67
C ASP A 109 -1.17 17.34 34.73
N PRO A 110 -1.19 18.00 35.91
CA PRO A 110 -1.97 19.23 36.10
C PRO A 110 -1.51 20.40 35.19
N GLY A 111 -0.43 20.22 34.45
CA GLY A 111 0.06 21.26 33.55
C GLY A 111 -0.58 21.13 32.18
N ASP A 112 -1.33 20.05 31.97
CA ASP A 112 -2.02 19.84 30.69
C ASP A 112 -3.45 20.37 30.77
N GLU A 113 -3.56 21.67 31.03
CA GLU A 113 -4.86 22.30 31.24
C GLU A 113 -5.77 22.38 30.01
N GLU A 114 -5.20 22.24 28.81
CA GLU A 114 -6.03 22.24 27.60
C GLU A 114 -7.14 21.21 27.78
N PHE A 115 -6.77 20.03 28.27
CA PHE A 115 -7.72 18.92 28.46
C PHE A 115 -8.84 19.22 29.44
N PHE A 116 -8.51 19.90 30.54
CA PHE A 116 -9.50 20.31 31.54
C PHE A 116 -10.46 21.40 31.04
N GLU A 117 -9.91 22.40 30.34
CA GLU A 117 -10.72 23.50 29.83
C GLU A 117 -11.61 22.99 28.69
N SER A 118 -11.10 22.05 27.91
CA SER A 118 -11.88 21.45 26.84
C SER A 118 -13.08 20.71 27.41
N LEU A 119 -12.81 19.91 28.44
CA LEU A 119 -13.85 19.08 29.06
C LEU A 119 -14.81 20.02 29.74
N LEU A 120 -14.27 21.05 30.38
CA LEU A 120 -15.08 22.08 30.99
C LEU A 120 -15.97 22.77 29.98
N GLY A 121 -15.46 22.92 28.76
CA GLY A 121 -16.22 23.53 27.68
C GLY A 121 -17.40 22.67 27.33
N ASP A 122 -17.16 21.38 27.13
CA ASP A 122 -18.21 20.40 26.86
C ASP A 122 -19.26 20.39 27.97
N LEU A 123 -18.81 20.34 29.21
CA LEU A 123 -19.72 20.29 30.35
C LEU A 123 -20.60 21.55 30.47
N CYS A 124 -20.01 22.73 30.35
CA CYS A 124 -20.80 23.98 30.36
C CYS A 124 -21.83 23.96 29.26
N THR A 125 -21.40 23.59 28.06
CA THR A 125 -22.28 23.46 26.91
C THR A 125 -23.42 22.46 27.15
N LEU A 126 -23.07 21.24 27.53
CA LEU A 126 -24.08 20.20 27.73
C LEU A 126 -25.02 20.62 28.83
N SER A 127 -24.51 21.47 29.71
CA SER A 127 -25.20 21.83 30.94
C SER A 127 -26.05 23.10 30.73
N GLY A 128 -25.97 23.68 29.53
CA GLY A 128 -26.78 24.83 29.21
C GLY A 128 -26.09 26.18 29.31
N TYR A 129 -24.79 26.19 29.55
CA TYR A 129 -24.04 27.45 29.62
C TYR A 129 -23.08 27.61 28.43
N ARG A 130 -23.63 27.93 27.26
CA ARG A 130 -22.87 27.93 26.03
C ARG A 130 -21.75 28.99 26.01
N GLU A 131 -22.08 30.21 26.41
CA GLU A 131 -21.10 31.30 26.43
C GLU A 131 -19.90 30.99 27.31
N GLU A 132 -20.14 30.55 28.54
CA GLU A 132 -19.06 30.13 29.43
C GLU A 132 -18.25 28.99 28.81
N GLY A 133 -18.95 28.06 28.16
CA GLY A 133 -18.31 26.93 27.51
C GLY A 133 -17.35 27.40 26.45
N ILE A 134 -17.81 28.34 25.61
CA ILE A 134 -16.97 28.94 24.58
C ILE A 134 -15.70 29.55 25.19
N GLY A 135 -15.86 30.16 26.35
CA GLY A 135 -14.74 30.70 27.10
C GLY A 135 -13.70 29.65 27.48
N HIS A 136 -14.15 28.47 27.91
CA HIS A 136 -13.22 27.37 28.17
C HIS A 136 -12.59 26.87 26.88
N TYR A 137 -13.40 26.72 25.82
CA TYR A 137 -12.85 26.32 24.54
C TYR A 137 -11.77 27.28 24.08
N VAL A 138 -12.03 28.58 24.26
CA VAL A 138 -11.09 29.62 23.85
C VAL A 138 -9.81 29.48 24.65
N ARG A 139 -9.96 29.33 25.96
CA ARG A 139 -8.79 29.23 26.83
C ARG A 139 -8.02 27.93 26.53
N SER A 140 -8.74 26.85 26.25
CA SER A 140 -8.10 25.61 25.84
C SER A 140 -7.33 25.78 24.54
N PHE A 141 -8.00 26.32 23.52
CA PHE A 141 -7.37 26.46 22.20
C PHE A 141 -6.12 27.33 22.26
N GLY A 142 -6.12 28.29 23.19
CA GLY A 142 -4.95 29.12 23.42
C GLY A 142 -3.69 28.34 23.78
N LYS A 143 -3.85 27.16 24.38
CA LYS A 143 -2.70 26.37 24.76
C LYS A 143 -2.33 25.33 23.70
N SER A 144 -3.33 24.75 23.06
CA SER A 144 -3.08 23.58 22.23
C SER A 144 -4.30 23.19 21.42
N PHE A 145 -4.06 22.68 20.21
CA PHE A 145 -5.12 22.12 19.40
C PHE A 145 -5.75 20.89 20.07
N LEU A 146 -7.07 20.96 20.31
CA LEU A 146 -7.88 19.79 20.64
C LEU A 146 -9.14 19.86 19.79
N PHE A 147 -9.73 18.70 19.52
CA PHE A 147 -10.84 18.58 18.58
C PHE A 147 -12.10 19.32 19.01
N SER A 148 -12.47 19.24 20.27
CA SER A 148 -13.75 19.79 20.69
C SER A 148 -13.76 21.33 20.74
N PRO A 149 -12.69 21.94 21.27
CA PRO A 149 -12.62 23.41 21.24
C PRO A 149 -12.57 23.96 19.81
N VAL A 150 -11.70 23.37 19.00
CA VAL A 150 -11.61 23.71 17.59
C VAL A 150 -12.94 23.59 16.83
N GLU A 151 -13.59 22.43 16.91
CA GLU A 151 -14.84 22.26 16.16
C GLU A 151 -16.00 23.16 16.64
N ASN A 152 -16.02 23.46 17.93
CA ASN A 152 -17.06 24.28 18.50
C ASN A 152 -16.79 25.76 18.24
N LEU A 153 -15.51 26.12 18.23
CA LEU A 153 -15.15 27.51 17.97
C LEU A 153 -15.35 27.83 16.50
N LEU A 154 -14.98 26.90 15.63
CA LEU A 154 -15.26 27.09 14.21
C LEU A 154 -16.78 27.19 14.00
N LEU A 155 -17.53 26.24 14.57
CA LEU A 155 -18.98 26.25 14.46
C LEU A 155 -19.59 27.60 14.85
N GLU A 156 -19.06 28.21 15.90
CA GLU A 156 -19.55 29.49 16.40
C GLU A 156 -18.87 30.70 15.73
N ASN A 157 -17.96 30.43 14.79
CA ASN A 157 -17.14 31.47 14.20
C ASN A 157 -16.38 32.26 15.27
N LYS A 158 -16.30 31.71 16.47
CA LYS A 158 -15.63 32.41 17.57
C LYS A 158 -14.20 31.95 17.82
N VAL A 159 -13.55 31.41 16.79
CA VAL A 159 -12.15 31.06 16.87
C VAL A 159 -11.29 32.34 16.89
N PRO A 160 -10.33 32.43 17.84
CA PRO A 160 -9.45 33.58 18.01
C PRO A 160 -8.36 33.64 16.94
N GLN A 161 -8.30 34.78 16.23
CA GLN A 161 -7.33 34.96 15.16
C GLN A 161 -6.35 36.09 15.47
N LYS A 162 -5.17 36.02 14.86
CA LYS A 162 -4.16 37.05 15.00
C LYS A 162 -4.53 38.28 14.18
N ARG A 163 -3.53 38.89 13.54
CA ARG A 163 -3.79 40.00 12.63
C ARG A 163 -2.61 40.25 11.69
N GLY A 175 1.54 23.43 12.24
CA GLY A 175 1.04 22.06 12.15
C GLY A 175 0.04 21.87 11.03
N ILE A 176 -0.15 20.63 10.62
CA ILE A 176 -1.15 20.31 9.60
C ILE A 176 -2.53 20.62 10.16
N GLU A 177 -2.69 20.43 11.47
CA GLU A 177 -3.98 20.71 12.09
C GLU A 177 -4.21 22.23 12.14
N GLU A 178 -3.14 22.98 12.39
CA GLU A 178 -3.26 24.43 12.51
C GLU A 178 -3.54 25.06 11.12
N GLU A 179 -3.04 24.41 10.08
CA GLU A 179 -3.41 24.75 8.73
C GLU A 179 -4.88 24.43 8.43
N TYR A 180 -5.38 23.32 8.99
CA TYR A 180 -6.77 22.91 8.82
C TYR A 180 -7.69 23.97 9.42
N VAL A 181 -7.28 24.50 10.57
CA VAL A 181 -8.04 25.54 11.23
C VAL A 181 -7.99 26.82 10.39
N SER A 182 -6.81 27.17 9.89
CA SER A 182 -6.68 28.37 9.06
C SER A 182 -7.61 28.29 7.86
N ASP A 183 -7.58 27.16 7.16
CA ASP A 183 -8.40 26.96 5.98
C ASP A 183 -9.88 27.06 6.31
N SER A 184 -10.26 26.50 7.47
CA SER A 184 -11.64 26.53 7.95
C SER A 184 -12.10 27.94 8.27
N ILE A 185 -11.28 28.71 8.98
CA ILE A 185 -11.60 30.12 9.17
C ILE A 185 -11.81 30.80 7.82
N GLU A 186 -10.87 30.59 6.89
CA GLU A 186 -10.92 31.28 5.61
C GLU A 186 -12.17 30.86 4.85
N PHE A 187 -12.43 29.56 4.80
CA PHE A 187 -13.54 29.08 3.98
C PHE A 187 -14.87 29.56 4.51
N HIS A 188 -14.94 29.74 5.82
CA HIS A 188 -16.18 30.21 6.43
C HIS A 188 -16.57 31.57 5.88
N GLU A 189 -15.60 32.48 5.73
CA GLU A 189 -15.87 33.84 5.24
C GLU A 189 -15.68 34.02 3.73
N SER A 190 -15.15 33.00 3.06
CA SER A 190 -14.85 33.16 1.63
C SER A 190 -15.54 32.11 0.75
N LEU A 191 -15.93 30.99 1.37
CA LEU A 191 -16.53 29.87 0.63
C LEU A 191 -15.65 29.40 -0.50
N SER A 192 -14.34 29.57 -0.32
CA SER A 192 -13.32 29.31 -1.35
C SER A 192 -13.41 27.89 -1.97
N PRO A 193 -13.77 27.82 -3.27
CA PRO A 193 -13.89 26.55 -4.02
C PRO A 193 -12.55 25.87 -4.23
N SER A 194 -11.47 26.64 -4.22
CA SER A 194 -10.12 26.05 -4.23
C SER A 194 -9.83 25.26 -2.93
N LEU A 195 -10.39 25.74 -1.83
CA LEU A 195 -10.22 25.10 -0.52
C LEU A 195 -10.97 23.76 -0.48
N VAL A 196 -12.23 23.80 -0.93
CA VAL A 196 -13.06 22.62 -1.07
C VAL A 196 -12.43 21.52 -1.92
N LYS A 197 -11.88 21.93 -3.07
CA LYS A 197 -11.23 21.01 -3.97
C LYS A 197 -9.96 20.44 -3.37
N LYS A 198 -9.22 21.28 -2.65
CA LYS A 198 -8.01 20.85 -1.95
C LYS A 198 -8.30 19.71 -0.94
N TYR A 199 -9.36 19.84 -0.16
CA TYR A 199 -9.69 18.84 0.88
C TYR A 199 -10.53 17.69 0.35
N MET A 200 -11.01 17.82 -0.88
CA MET A 200 -11.82 16.81 -1.54
C MET A 200 -11.00 15.55 -1.81
N GLU A 201 -9.70 15.74 -2.02
CA GLU A 201 -8.78 14.62 -2.24
C GLU A 201 -8.46 13.78 -0.98
N HIS A 202 -8.78 14.29 0.20
CA HIS A 202 -8.47 13.58 1.45
C HIS A 202 -9.72 13.10 2.19
N VAL A 203 -10.56 12.37 1.45
CA VAL A 203 -11.77 11.77 1.98
C VAL A 203 -11.76 10.30 1.54
N PRO A 204 -11.65 9.38 2.51
CA PRO A 204 -11.62 9.62 3.95
C PRO A 204 -10.33 10.26 4.43
N GLY A 205 -10.43 11.02 5.52
CA GLY A 205 -9.27 11.67 6.10
C GLY A 205 -9.63 13.04 6.65
N ILE A 206 -8.64 13.94 6.70
CA ILE A 206 -8.88 15.31 7.12
C ILE A 206 -9.97 15.99 6.28
N GLY A 207 -10.09 15.56 5.03
CA GLY A 207 -11.06 16.16 4.13
C GLY A 207 -12.47 15.90 4.60
N SER A 208 -12.66 14.77 5.28
CA SER A 208 -13.98 14.37 5.74
C SER A 208 -14.54 15.38 6.71
N TYR A 209 -13.67 15.87 7.59
CA TYR A 209 -14.03 16.96 8.50
C TYR A 209 -14.29 18.26 7.75
N PHE A 210 -13.30 18.70 6.99
CA PHE A 210 -13.41 19.96 6.22
C PHE A 210 -14.68 20.00 5.38
N ILE A 211 -14.82 19.04 4.49
CA ILE A 211 -15.99 19.01 3.61
C ILE A 211 -17.30 18.93 4.40
N SER A 212 -17.27 18.23 5.53
CA SER A 212 -18.44 18.12 6.38
C SER A 212 -18.78 19.43 7.01
N ASN A 213 -17.78 20.14 7.50
CA ASN A 213 -18.01 21.50 7.96
C ASN A 213 -18.53 22.39 6.83
N ALA A 214 -17.92 22.26 5.65
CA ALA A 214 -18.32 23.03 4.46
C ALA A 214 -19.82 22.91 4.23
N ALA A 215 -20.26 21.66 4.16
CA ALA A 215 -21.67 21.34 3.92
C ALA A 215 -22.60 22.05 4.89
N ARG A 216 -22.13 22.17 6.13
CA ARG A 216 -22.88 22.83 7.19
C ARG A 216 -22.97 24.34 6.98
N ARG A 217 -21.83 24.95 6.64
CA ARG A 217 -21.79 26.37 6.35
C ARG A 217 -22.73 26.68 5.20
N TYR A 218 -22.68 25.86 4.16
CA TYR A 218 -23.51 26.08 2.98
C TYR A 218 -24.98 26.10 3.35
N PHE A 219 -25.38 25.16 4.21
CA PHE A 219 -26.77 25.11 4.64
C PHE A 219 -27.19 26.40 5.35
N ASN A 220 -26.41 26.78 6.36
CA ASN A 220 -26.64 28.03 7.07
C ASN A 220 -26.73 29.27 6.17
N LEU A 221 -26.19 29.18 4.96
CA LEU A 221 -26.26 30.30 4.03
C LEU A 221 -27.40 30.17 3.05
N GLY A 222 -28.16 29.07 3.18
CA GLY A 222 -29.28 28.81 2.30
C GLY A 222 -28.91 28.16 0.98
N MET A 223 -27.61 28.04 0.73
CA MET A 223 -27.11 27.40 -0.49
C MET A 223 -27.24 25.89 -0.36
N ASN A 224 -28.46 25.39 -0.46
CA ASN A 224 -28.77 23.98 -0.24
C ASN A 224 -28.15 23.08 -1.29
N ASP A 225 -27.95 23.61 -2.49
CA ASP A 225 -27.39 22.83 -3.59
C ASP A 225 -25.98 22.35 -3.25
N LYS A 226 -25.10 23.28 -2.92
CA LYS A 226 -23.73 22.96 -2.59
C LYS A 226 -23.68 22.14 -1.29
N SER A 227 -24.57 22.49 -0.37
CA SER A 227 -24.66 21.81 0.91
C SER A 227 -24.82 20.30 0.74
N LYS A 228 -25.76 19.90 -0.13
CA LYS A 228 -26.01 18.48 -0.40
C LYS A 228 -24.89 17.84 -1.19
N ALA A 229 -24.31 18.59 -2.13
CA ALA A 229 -23.16 18.11 -2.88
C ALA A 229 -22.07 17.65 -1.90
N CYS A 230 -21.67 18.55 -1.02
CA CYS A 230 -20.65 18.27 -0.01
C CYS A 230 -21.00 17.07 0.88
N PHE A 231 -22.23 17.06 1.41
CA PHE A 231 -22.67 15.95 2.25
C PHE A 231 -22.66 14.64 1.45
N GLU A 232 -23.23 14.68 0.25
CA GLU A 232 -23.26 13.50 -0.60
C GLU A 232 -21.85 12.94 -0.80
N LEU A 233 -20.89 13.80 -1.07
CA LEU A 233 -19.52 13.35 -1.30
C LEU A 233 -19.05 12.48 -0.17
N VAL A 234 -19.08 13.02 1.05
CA VAL A 234 -18.65 12.29 2.24
C VAL A 234 -19.49 11.04 2.51
N ARG A 235 -20.81 11.13 2.29
CA ARG A 235 -21.70 9.98 2.42
C ARG A 235 -21.22 8.79 1.57
N ARG A 236 -20.61 9.08 0.42
CA ARG A 236 -20.16 8.03 -0.50
C ARG A 236 -18.70 7.59 -0.26
N LYS A 237 -17.79 8.55 -0.16
CA LYS A 237 -16.37 8.23 0.04
C LYS A 237 -16.03 7.89 1.49
N ASP A 238 -16.99 8.10 2.39
CA ASP A 238 -16.77 7.85 3.81
C ASP A 238 -18.09 7.78 4.56
N PRO A 239 -18.96 6.83 4.18
CA PRO A 239 -20.35 6.77 4.64
C PRO A 239 -20.42 6.64 6.15
N MET A 240 -19.41 6.01 6.73
N MET A 240 -19.37 6.02 6.69
CA MET A 240 -19.44 5.74 8.17
CA MET A 240 -19.25 5.68 8.09
C MET A 240 -18.80 6.84 9.02
C MET A 240 -18.88 6.86 8.98
N PHE A 241 -18.31 7.89 8.36
CA PHE A 241 -17.84 9.08 9.07
C PHE A 241 -19.06 9.79 9.63
N LEU A 242 -19.93 10.19 8.72
CA LEU A 242 -21.16 10.89 9.05
C LEU A 242 -22.15 9.98 9.76
N LYS B 4 25.28 -15.38 -12.69
CA LYS B 4 25.08 -15.80 -14.07
C LYS B 4 23.71 -15.35 -14.59
N LEU B 5 22.82 -15.01 -13.66
CA LEU B 5 21.47 -14.57 -14.01
C LEU B 5 21.50 -13.32 -14.90
N ILE B 6 22.53 -12.50 -14.77
CA ILE B 6 22.64 -11.28 -15.55
C ILE B 6 22.70 -11.58 -17.05
N GLY B 7 23.71 -12.34 -17.44
CA GLY B 7 23.87 -12.68 -18.85
C GLY B 7 22.60 -13.25 -19.46
N LYS B 8 21.87 -14.01 -18.66
CA LYS B 8 20.63 -14.62 -19.13
C LYS B 8 19.53 -13.59 -19.29
N ILE B 9 19.51 -12.60 -18.41
CA ILE B 9 18.50 -11.55 -18.49
C ILE B 9 18.75 -10.71 -19.76
N CYS B 10 20.02 -10.33 -19.98
CA CYS B 10 20.38 -9.57 -21.15
C CYS B 10 19.97 -10.34 -22.39
N LYS B 11 20.25 -11.63 -22.38
CA LYS B 11 19.90 -12.47 -23.52
C LYS B 11 18.40 -12.48 -23.76
N SER B 12 17.62 -12.45 -22.69
CA SER B 12 16.16 -12.49 -22.80
C SER B 12 15.59 -11.17 -23.31
N ILE B 13 16.25 -10.08 -22.93
CA ILE B 13 15.85 -8.76 -23.43
C ILE B 13 16.11 -8.69 -24.93
N ARG B 14 17.34 -9.04 -25.32
CA ARG B 14 17.72 -9.13 -26.72
C ARG B 14 16.77 -10.01 -27.53
N TYR B 15 16.14 -11.00 -26.90
CA TYR B 15 15.18 -11.83 -27.62
C TYR B 15 13.74 -11.38 -27.42
N ARG B 16 13.57 -10.32 -26.65
CA ARG B 16 12.24 -9.75 -26.42
C ARG B 16 11.41 -10.75 -25.67
N ASP B 17 12.08 -11.66 -24.98
CA ASP B 17 11.45 -12.60 -24.06
C ASP B 17 11.42 -11.97 -22.66
N TYR B 18 10.43 -11.13 -22.43
CA TYR B 18 10.43 -10.22 -21.28
C TYR B 18 9.94 -10.92 -20.03
N GLU B 19 8.95 -11.81 -20.19
CA GLU B 19 8.50 -12.65 -19.06
C GLU B 19 9.68 -13.34 -18.38
N THR B 20 10.53 -13.98 -19.15
CA THR B 20 11.71 -14.60 -18.58
C THR B 20 12.58 -13.60 -17.84
N ALA B 21 12.79 -12.44 -18.44
CA ALA B 21 13.65 -11.42 -17.84
C ALA B 21 13.07 -10.87 -16.55
N ILE B 22 11.77 -10.65 -16.55
CA ILE B 22 11.06 -10.24 -15.35
C ILE B 22 11.22 -11.31 -14.24
N PHE B 23 11.00 -12.57 -14.60
CA PHE B 23 11.15 -13.67 -13.66
C PHE B 23 12.58 -13.77 -13.12
N LEU B 24 13.54 -13.84 -14.02
CA LEU B 24 14.93 -13.89 -13.62
C LEU B 24 15.34 -12.68 -12.81
N ALA B 25 14.69 -11.56 -13.08
CA ALA B 25 15.01 -10.34 -12.37
C ALA B 25 14.47 -10.47 -10.95
N ALA B 26 13.26 -11.00 -10.86
CA ALA B 26 12.61 -11.23 -9.56
C ALA B 26 13.47 -12.10 -8.64
N CYS B 27 14.19 -13.06 -9.22
CA CYS B 27 15.04 -13.96 -8.44
C CYS B 27 16.24 -13.20 -7.90
N LEU B 28 16.64 -12.18 -8.64
CA LEU B 28 17.89 -11.47 -8.39
C LEU B 28 17.75 -10.39 -7.31
N LEU B 29 16.56 -9.82 -7.17
CA LEU B 29 16.27 -8.83 -6.13
C LEU B 29 16.97 -9.10 -4.78
N PRO B 30 16.86 -10.33 -4.25
CA PRO B 30 17.45 -10.67 -2.94
C PRO B 30 18.98 -10.62 -2.92
N CYS B 31 19.60 -11.48 -3.73
CA CYS B 31 21.05 -11.53 -3.87
C CYS B 31 21.65 -10.13 -4.00
N LYS B 32 21.34 -9.46 -5.12
CA LYS B 32 22.03 -8.24 -5.49
C LYS B 32 21.05 -7.08 -5.79
N PRO B 33 20.75 -6.26 -4.76
CA PRO B 33 19.75 -5.19 -4.72
C PRO B 33 20.05 -4.02 -5.65
N GLU B 34 21.31 -3.83 -6.00
CA GLU B 34 21.70 -2.72 -6.87
C GLU B 34 21.18 -2.94 -8.30
N TYR B 35 20.12 -3.74 -8.40
CA TYR B 35 19.57 -4.18 -9.67
C TYR B 35 18.05 -4.02 -9.75
N ARG B 36 17.45 -3.34 -8.77
CA ARG B 36 16.00 -3.16 -8.82
C ARG B 36 15.64 -2.26 -10.02
N MET B 37 16.61 -1.49 -10.46
CA MET B 37 16.45 -0.66 -11.63
C MET B 37 16.13 -1.57 -12.80
N LEU B 38 16.92 -2.63 -12.94
CA LEU B 38 16.81 -3.60 -14.04
C LEU B 38 15.41 -4.19 -14.15
N MET B 39 14.86 -4.52 -13.00
CA MET B 39 13.52 -5.05 -12.89
C MET B 39 12.54 -4.02 -13.43
N SER B 40 12.72 -2.78 -12.99
CA SER B 40 11.89 -1.68 -13.43
C SER B 40 11.91 -1.53 -14.96
N ILE B 41 13.11 -1.59 -15.53
CA ILE B 41 13.29 -1.42 -16.96
C ILE B 41 12.57 -2.52 -17.74
N VAL B 42 12.90 -3.77 -17.43
CA VAL B 42 12.27 -4.90 -18.11
C VAL B 42 10.75 -4.87 -17.99
N LEU B 43 10.26 -4.37 -16.86
CA LEU B 43 8.83 -4.19 -16.67
C LEU B 43 8.30 -3.09 -17.61
N TYR B 44 9.09 -2.02 -17.74
CA TYR B 44 8.72 -0.94 -18.64
C TYR B 44 8.68 -1.49 -20.07
N LEU B 45 9.72 -2.21 -20.46
CA LEU B 45 9.78 -2.77 -21.79
C LEU B 45 8.62 -3.70 -22.12
N ASN B 46 8.07 -4.33 -21.09
CA ASN B 46 6.98 -5.28 -21.28
C ASN B 46 5.64 -4.58 -21.24
N GLY B 47 5.67 -3.25 -21.20
CA GLY B 47 4.45 -2.46 -21.18
C GLY B 47 3.77 -2.33 -19.85
N GLU B 48 4.46 -2.68 -18.76
CA GLU B 48 3.84 -2.72 -17.44
C GLU B 48 4.24 -1.55 -16.56
N TYR B 49 3.62 -0.40 -16.81
CA TYR B 49 4.07 0.86 -16.22
C TYR B 49 3.72 0.99 -14.73
N THR B 50 2.51 0.58 -14.37
CA THR B 50 2.10 0.67 -12.97
C THR B 50 2.94 -0.26 -12.11
N ARG B 51 3.27 -1.43 -12.63
CA ARG B 51 4.13 -2.35 -11.89
C ARG B 51 5.55 -1.81 -11.80
N ALA B 52 6.04 -1.22 -12.88
CA ALA B 52 7.38 -0.68 -12.87
C ALA B 52 7.50 0.45 -11.85
N LEU B 53 6.44 1.25 -11.74
CA LEU B 53 6.41 2.38 -10.80
C LEU B 53 6.53 1.89 -9.36
N PHE B 54 5.88 0.77 -9.06
CA PHE B 54 5.96 0.19 -7.73
C PHE B 54 7.44 0.00 -7.36
N HIS B 55 8.22 -0.54 -8.28
CA HIS B 55 9.63 -0.77 -7.97
C HIS B 55 10.42 0.53 -7.97
N LEU B 56 10.01 1.45 -8.85
CA LEU B 56 10.76 2.69 -9.01
C LEU B 56 10.62 3.60 -7.80
N HIS B 57 9.46 3.58 -7.15
CA HIS B 57 9.24 4.44 -5.99
C HIS B 57 10.28 4.12 -4.93
N LYS B 58 10.74 2.88 -4.92
CA LYS B 58 11.70 2.42 -3.91
C LYS B 58 13.10 2.92 -4.21
N LEU B 59 13.23 3.65 -5.30
CA LEU B 59 14.55 4.14 -5.75
C LEU B 59 14.57 5.66 -5.90
N ASN B 60 15.77 6.20 -6.08
CA ASN B 60 15.95 7.62 -6.38
C ASN B 60 17.26 7.91 -7.09
N THR B 61 17.36 7.54 -8.35
CA THR B 61 18.52 7.91 -9.15
C THR B 61 18.06 8.60 -10.45
N CYS B 62 19.03 9.11 -11.21
CA CYS B 62 18.69 9.72 -12.49
C CYS B 62 17.95 8.72 -13.38
N THR B 63 18.42 7.46 -13.40
CA THR B 63 17.80 6.43 -14.23
C THR B 63 16.41 6.09 -13.73
N SER B 64 16.24 6.08 -12.42
CA SER B 64 14.96 5.66 -11.85
C SER B 64 13.91 6.75 -12.07
N LYS B 65 14.32 8.00 -11.83
CA LYS B 65 13.42 9.14 -12.01
C LYS B 65 13.08 9.32 -13.48
N TYR B 66 14.02 9.00 -14.34
CA TYR B 66 13.74 9.04 -15.78
C TYR B 66 12.67 8.01 -16.20
N TYR B 67 12.87 6.75 -15.84
CA TYR B 67 11.86 5.73 -16.14
C TYR B 67 10.55 6.05 -15.42
N GLU B 68 10.66 6.67 -14.27
CA GLU B 68 9.48 7.08 -13.56
C GLU B 68 8.66 8.00 -14.43
N SER B 69 9.31 9.06 -14.95
CA SER B 69 8.67 9.99 -15.85
C SER B 69 8.07 9.31 -17.08
N LEU B 70 8.81 8.38 -17.68
CA LEU B 70 8.24 7.63 -18.81
C LEU B 70 6.96 6.89 -18.45
N CYS B 71 6.96 6.19 -17.29
CA CYS B 71 5.80 5.41 -16.86
C CYS B 71 4.63 6.34 -16.60
N TYR B 72 4.90 7.43 -15.90
CA TYR B 72 3.89 8.47 -15.67
C TYR B 72 3.31 9.03 -16.98
N LYS B 73 4.16 9.21 -17.98
CA LYS B 73 3.71 9.73 -19.25
C LYS B 73 2.79 8.72 -19.95
N LYS B 74 3.18 7.45 -19.94
CA LYS B 74 2.30 6.40 -20.48
C LYS B 74 0.93 6.42 -19.82
N LYS B 75 0.92 6.75 -18.53
CA LYS B 75 -0.31 6.78 -17.75
C LYS B 75 -0.96 8.16 -17.79
N LYS B 76 -0.38 9.04 -18.60
CA LYS B 76 -0.87 10.42 -18.75
C LYS B 76 -0.92 11.23 -17.45
N ASP B 77 -0.17 10.81 -16.44
CA ASP B 77 -0.01 11.64 -15.25
C ASP B 77 1.13 12.61 -15.49
N TYR B 78 0.83 13.67 -16.23
CA TYR B 78 1.89 14.57 -16.69
C TYR B 78 2.55 15.34 -15.56
N LYS B 79 1.79 15.65 -14.52
CA LYS B 79 2.33 16.46 -13.43
C LYS B 79 3.40 15.66 -12.72
N LYS B 80 3.17 14.37 -12.58
CA LYS B 80 4.14 13.51 -11.92
C LYS B 80 5.33 13.23 -12.84
N ALA B 81 5.04 12.97 -14.10
CA ALA B 81 6.10 12.84 -15.11
C ALA B 81 7.05 14.03 -15.05
N ILE B 82 6.48 15.23 -15.07
CA ILE B 82 7.27 16.46 -14.97
C ILE B 82 8.07 16.52 -13.66
N LYS B 83 7.39 16.33 -12.54
CA LYS B 83 8.06 16.37 -11.25
C LYS B 83 9.25 15.41 -11.21
N SER B 84 9.08 14.24 -11.79
CA SER B 84 10.14 13.24 -11.76
C SER B 84 11.38 13.72 -12.50
N LEU B 85 11.17 14.35 -13.65
CA LEU B 85 12.28 14.80 -14.48
C LEU B 85 13.04 15.93 -13.82
N GLU B 86 12.28 16.86 -13.23
CA GLU B 86 12.88 18.04 -12.61
C GLU B 86 13.82 17.63 -11.49
N SER B 87 13.48 16.55 -10.79
CA SER B 87 14.35 16.01 -9.75
C SER B 87 15.76 15.82 -10.29
N ILE B 88 15.86 15.33 -11.52
CA ILE B 88 17.16 15.10 -12.14
C ILE B 88 17.83 16.43 -12.47
N LEU B 89 17.15 17.23 -13.28
CA LEU B 89 17.69 18.52 -13.72
C LEU B 89 18.03 19.44 -12.56
N GLU B 90 17.24 19.32 -11.49
CA GLU B 90 17.50 20.08 -10.26
C GLU B 90 18.57 19.40 -9.40
N GLY B 91 19.04 18.25 -9.85
CA GLY B 91 20.12 17.54 -9.17
C GLY B 91 19.80 17.04 -7.77
N LYS B 92 18.61 16.47 -7.58
CA LYS B 92 18.23 15.91 -6.29
C LYS B 92 18.14 14.37 -6.32
N VAL B 93 18.99 13.74 -7.13
CA VAL B 93 19.03 12.29 -7.23
C VAL B 93 20.46 11.78 -6.99
N GLU B 94 20.57 10.51 -6.59
CA GLU B 94 21.87 9.91 -6.33
C GLU B 94 22.46 9.31 -7.61
N ARG B 95 23.77 9.08 -7.60
CA ARG B 95 24.43 8.33 -8.67
C ARG B 95 23.98 6.88 -8.62
N ASP B 96 23.65 6.32 -9.78
CA ASP B 96 23.31 4.90 -9.86
C ASP B 96 24.45 4.04 -9.28
N PRO B 97 24.11 2.85 -8.80
CA PRO B 97 25.12 1.93 -8.24
C PRO B 97 26.10 1.44 -9.30
N ASP B 98 27.34 1.19 -8.89
CA ASP B 98 28.27 0.47 -9.74
C ASP B 98 27.68 -0.92 -9.97
N VAL B 99 27.39 -1.26 -11.22
CA VAL B 99 26.79 -2.55 -11.52
C VAL B 99 27.52 -3.29 -12.65
N ASP B 100 27.13 -4.53 -12.90
CA ASP B 100 27.61 -5.25 -14.07
C ASP B 100 27.59 -4.32 -15.29
N ALA B 101 28.63 -4.40 -16.10
CA ALA B 101 28.80 -3.53 -17.26
C ALA B 101 27.64 -3.61 -18.25
N ARG B 102 27.06 -4.80 -18.39
CA ARG B 102 25.96 -5.00 -19.33
C ARG B 102 24.70 -4.28 -18.87
N ILE B 103 24.59 -4.11 -17.56
CA ILE B 103 23.46 -3.40 -16.97
C ILE B 103 23.70 -1.89 -17.02
N GLN B 104 24.95 -1.49 -16.78
CA GLN B 104 25.32 -0.09 -16.70
C GLN B 104 24.91 0.62 -17.99
N GLU B 105 25.11 -0.07 -19.11
CA GLU B 105 24.80 0.46 -20.42
C GLU B 105 23.35 0.90 -20.55
N MET B 106 22.47 0.33 -19.74
CA MET B 106 21.05 0.65 -19.82
C MET B 106 20.73 1.86 -18.98
N PHE B 107 21.74 2.45 -18.36
CA PHE B 107 21.51 3.52 -17.41
C PHE B 107 21.63 4.89 -18.06
N VAL B 108 21.06 5.87 -17.37
CA VAL B 108 20.94 7.23 -17.86
C VAL B 108 22.03 8.15 -17.30
N ASP B 109 22.70 8.86 -18.20
CA ASP B 109 23.75 9.80 -17.82
C ASP B 109 23.14 11.19 -17.67
N PRO B 110 23.31 11.83 -16.51
CA PRO B 110 22.71 13.15 -16.26
C PRO B 110 23.27 14.24 -17.16
N GLY B 111 24.27 13.91 -17.97
CA GLY B 111 24.88 14.86 -18.87
C GLY B 111 24.19 14.89 -20.21
N ASP B 112 23.27 13.95 -20.40
CA ASP B 112 22.48 13.88 -21.63
C ASP B 112 21.16 14.65 -21.50
N GLU B 113 21.27 15.95 -21.27
CA GLU B 113 20.10 16.76 -20.93
C GLU B 113 19.15 17.01 -22.10
N GLU B 114 19.63 16.79 -23.32
CA GLU B 114 18.74 16.91 -24.49
C GLU B 114 17.48 16.06 -24.27
N PHE B 115 17.71 14.82 -23.85
CA PHE B 115 16.61 13.88 -23.59
C PHE B 115 15.60 14.33 -22.54
N PHE B 116 16.09 14.93 -21.45
CA PHE B 116 15.23 15.47 -20.40
C PHE B 116 14.42 16.70 -20.85
N GLU B 117 15.10 17.65 -21.51
CA GLU B 117 14.44 18.87 -22.01
C GLU B 117 13.41 18.54 -23.09
N SER B 118 13.74 17.56 -23.93
CA SER B 118 12.81 17.09 -24.94
C SER B 118 11.54 16.51 -24.32
N LEU B 119 11.74 15.62 -23.34
CA LEU B 119 10.62 14.98 -22.66
C LEU B 119 9.85 16.04 -21.87
N LEU B 120 10.58 16.94 -21.25
CA LEU B 120 9.96 18.09 -20.59
C LEU B 120 9.14 18.93 -21.57
N GLY B 121 9.59 18.99 -22.80
CA GLY B 121 8.89 19.76 -23.81
C GLY B 121 7.56 19.10 -24.10
N ASP B 122 7.60 17.79 -24.34
CA ASP B 122 6.40 16.99 -24.58
C ASP B 122 5.41 17.07 -23.44
N LEU B 123 5.91 16.93 -22.22
CA LEU B 123 5.07 17.03 -21.03
C LEU B 123 4.39 18.39 -20.86
N CYS B 124 5.15 19.49 -20.96
CA CYS B 124 4.57 20.85 -20.90
C CYS B 124 3.49 20.99 -21.96
N THR B 125 3.81 20.58 -23.17
CA THR B 125 2.86 20.64 -24.28
C THR B 125 1.59 19.83 -24.02
N LEU B 126 1.76 18.55 -23.70
CA LEU B 126 0.62 17.70 -23.44
C LEU B 126 -0.19 18.23 -22.26
N SER B 127 0.49 18.96 -21.39
CA SER B 127 -0.09 19.41 -20.14
C SER B 127 -0.73 20.80 -20.29
N GLY B 128 -0.62 21.37 -21.48
CA GLY B 128 -1.25 22.65 -21.76
C GLY B 128 -0.35 23.88 -21.64
N TYR B 129 0.95 23.67 -21.48
CA TYR B 129 1.90 24.80 -21.43
C TYR B 129 2.79 24.80 -22.67
N ARG B 130 2.23 25.20 -23.81
CA ARG B 130 2.94 25.16 -25.08
C ARG B 130 4.20 26.03 -25.09
N GLU B 131 4.08 27.28 -24.64
CA GLU B 131 5.20 28.22 -24.70
C GLU B 131 6.38 27.73 -23.88
N GLU B 132 6.13 27.28 -22.65
CA GLU B 132 7.18 26.69 -21.82
C GLU B 132 7.78 25.45 -22.49
N GLY B 133 6.92 24.64 -23.11
CA GLY B 133 7.36 23.48 -23.85
C GLY B 133 8.32 23.81 -24.97
N ILE B 134 7.96 24.82 -25.75
CA ILE B 134 8.83 25.31 -26.82
C ILE B 134 10.19 25.68 -26.28
N GLY B 135 10.19 26.30 -25.09
CA GLY B 135 11.42 26.65 -24.39
C GLY B 135 12.30 25.45 -24.10
N HIS B 136 11.70 24.33 -23.68
CA HIS B 136 12.46 23.11 -23.45
C HIS B 136 12.95 22.53 -24.78
N TYR B 137 12.09 22.56 -25.79
CA TYR B 137 12.49 22.11 -27.11
C TYR B 137 13.68 22.90 -27.64
N VAL B 138 13.62 24.22 -27.45
CA VAL B 138 14.71 25.09 -27.85
C VAL B 138 15.97 24.70 -27.11
N ARG B 139 15.87 24.52 -25.80
CA ARG B 139 17.04 24.27 -24.98
C ARG B 139 17.61 22.89 -25.34
N SER B 140 16.72 21.97 -25.68
CA SER B 140 17.13 20.64 -26.08
C SER B 140 17.84 20.66 -27.43
N PHE B 141 17.24 21.34 -28.40
CA PHE B 141 17.80 21.41 -29.74
C PHE B 141 19.19 22.07 -29.72
N GLY B 142 19.39 22.98 -28.77
CA GLY B 142 20.66 23.65 -28.59
C GLY B 142 21.81 22.69 -28.32
N LYS B 143 21.50 21.55 -27.74
CA LYS B 143 22.55 20.59 -27.43
C LYS B 143 22.70 19.53 -28.51
N SER B 144 21.58 19.09 -29.07
CA SER B 144 21.61 17.93 -29.94
C SER B 144 20.30 17.75 -30.69
N PHE B 145 20.40 17.19 -31.90
CA PHE B 145 19.22 16.85 -32.69
C PHE B 145 18.41 15.73 -32.01
N LEU B 146 17.15 16.00 -31.70
CA LEU B 146 16.20 14.98 -31.36
C LEU B 146 14.94 15.27 -32.14
N PHE B 147 14.15 14.22 -32.40
CA PHE B 147 13.00 14.30 -33.28
C PHE B 147 11.89 15.18 -32.77
N SER B 148 11.55 15.09 -31.49
CA SER B 148 10.40 15.87 -31.01
C SER B 148 10.63 17.38 -30.93
N PRO B 149 11.80 17.82 -30.41
CA PRO B 149 12.10 19.27 -30.44
C PRO B 149 12.15 19.80 -31.89
N VAL B 150 12.87 19.10 -32.75
CA VAL B 150 12.97 19.49 -34.15
C VAL B 150 11.60 19.62 -34.84
N GLU B 151 10.77 18.57 -34.75
CA GLU B 151 9.47 18.58 -35.44
C GLU B 151 8.51 19.64 -34.88
N ASN B 152 8.61 19.91 -33.59
CA ASN B 152 7.74 20.88 -32.93
C ASN B 152 8.21 22.31 -33.16
N LEU B 153 9.52 22.48 -33.24
CA LEU B 153 10.08 23.79 -33.52
C LEU B 153 9.85 24.17 -34.99
N LEU B 154 10.01 23.20 -35.89
CA LEU B 154 9.69 23.45 -37.28
C LEU B 154 8.22 23.82 -37.43
N LEU B 155 7.37 23.00 -36.84
CA LEU B 155 5.94 23.23 -36.85
C LEU B 155 5.57 24.64 -36.41
N GLU B 156 6.26 25.14 -35.38
CA GLU B 156 5.97 26.46 -34.82
C GLU B 156 6.79 27.56 -35.50
N ASN B 157 7.60 27.18 -36.48
CA ASN B 157 8.55 28.10 -37.11
C ASN B 157 9.48 28.74 -36.08
N LYS B 158 9.56 28.14 -34.89
CA LYS B 158 10.37 28.70 -33.81
C LYS B 158 11.73 28.02 -33.64
N VAL B 159 12.22 27.42 -34.70
CA VAL B 159 13.56 26.86 -34.68
C VAL B 159 14.60 27.99 -34.72
N PRO B 160 15.60 27.91 -33.83
CA PRO B 160 16.66 28.92 -33.67
C PRO B 160 17.68 28.86 -34.80
N GLN B 161 17.89 29.98 -35.48
CA GLN B 161 18.82 30.04 -36.61
C GLN B 161 19.98 30.99 -36.33
N LYS B 162 21.10 30.75 -37.01
CA LYS B 162 22.28 31.58 -36.90
C LYS B 162 22.07 32.89 -37.63
N ARG B 163 23.15 33.42 -38.18
CA ARG B 163 23.07 34.73 -38.82
C ARG B 163 23.64 34.70 -40.24
N ASP B 164 24.09 33.54 -40.69
CA ASP B 164 24.68 33.42 -42.03
C ASP B 164 24.79 31.99 -42.54
N ARG B 173 26.47 20.64 -35.20
CA ARG B 173 26.31 21.58 -36.32
C ARG B 173 26.22 20.87 -37.67
N ARG B 174 26.87 19.71 -37.78
CA ARG B 174 26.94 19.03 -39.08
C ARG B 174 26.23 17.68 -39.06
N GLY B 175 25.66 17.31 -40.20
CA GLY B 175 24.96 16.05 -40.28
C GLY B 175 23.88 16.04 -41.32
N ILE B 176 23.47 14.85 -41.74
CA ILE B 176 22.39 14.71 -42.70
C ILE B 176 21.09 15.21 -42.07
N GLU B 177 20.96 15.02 -40.77
CA GLU B 177 19.77 15.48 -40.07
C GLU B 177 19.78 17.00 -39.92
N GLU B 178 20.97 17.58 -39.76
CA GLU B 178 21.06 19.03 -39.62
C GLU B 178 20.80 19.71 -40.96
N GLU B 179 21.14 19.02 -42.04
CA GLU B 179 20.78 19.45 -43.39
C GLU B 179 19.28 19.35 -43.61
N TYR B 180 18.66 18.35 -42.98
CA TYR B 180 17.21 18.17 -43.10
C TYR B 180 16.48 19.33 -42.44
N VAL B 181 17.04 19.80 -41.34
CA VAL B 181 16.47 20.92 -40.63
C VAL B 181 16.67 22.22 -41.43
N SER B 182 17.87 22.39 -42.00
CA SER B 182 18.17 23.56 -42.83
C SER B 182 17.18 23.64 -43.99
N ASP B 183 16.99 22.52 -44.68
CA ASP B 183 16.11 22.48 -45.84
C ASP B 183 14.69 22.85 -45.44
N SER B 184 14.28 22.33 -44.28
CA SER B 184 12.94 22.58 -43.76
C SER B 184 12.73 24.06 -43.44
N ILE B 185 13.70 24.66 -42.78
CA ILE B 185 13.57 26.07 -42.48
C ILE B 185 13.43 26.85 -43.80
N GLU B 186 14.28 26.50 -44.75
CA GLU B 186 14.27 27.18 -46.04
C GLU B 186 12.96 26.98 -46.79
N PHE B 187 12.49 25.73 -46.82
CA PHE B 187 11.29 25.44 -47.59
C PHE B 187 10.10 26.18 -47.00
N HIS B 188 10.08 26.28 -45.68
CA HIS B 188 8.97 26.94 -45.02
C HIS B 188 8.77 28.36 -45.56
N GLU B 189 9.87 29.09 -45.69
CA GLU B 189 9.80 30.48 -46.10
C GLU B 189 9.93 30.68 -47.61
N SER B 190 10.30 29.64 -48.34
CA SER B 190 10.50 29.78 -49.80
C SER B 190 9.62 28.86 -50.64
N LEU B 191 9.07 27.80 -50.05
CA LEU B 191 8.26 26.85 -50.80
C LEU B 191 9.02 26.31 -52.01
N SER B 192 10.34 26.23 -51.88
CA SER B 192 11.24 25.80 -52.95
C SER B 192 10.93 24.41 -53.54
N PRO B 193 10.49 24.38 -54.81
CA PRO B 193 10.14 23.16 -55.56
C PRO B 193 11.36 22.25 -55.78
N SER B 194 12.54 22.85 -55.85
CA SER B 194 13.78 22.09 -55.98
C SER B 194 14.01 21.25 -54.71
N LEU B 195 13.59 21.79 -53.58
CA LEU B 195 13.71 21.09 -52.30
C LEU B 195 12.77 19.89 -52.24
N VAL B 196 11.52 20.13 -52.66
CA VAL B 196 10.50 19.09 -52.71
C VAL B 196 10.90 17.94 -53.62
N LYS B 197 11.49 18.28 -54.76
CA LYS B 197 11.90 17.30 -55.74
C LYS B 197 13.09 16.51 -55.22
N LYS B 198 13.94 17.20 -54.46
CA LYS B 198 15.11 16.58 -53.86
C LYS B 198 14.74 15.47 -52.86
N TYR B 199 13.75 15.73 -52.02
CA TYR B 199 13.32 14.78 -50.99
C TYR B 199 12.28 13.80 -51.49
N MET B 200 11.77 14.04 -52.70
CA MET B 200 10.77 13.18 -53.31
C MET B 200 11.38 11.80 -53.61
N GLU B 201 12.68 11.80 -53.88
CA GLU B 201 13.41 10.57 -54.22
C GLU B 201 13.65 9.66 -53.03
N HIS B 202 13.49 10.18 -51.82
CA HIS B 202 13.74 9.40 -50.60
C HIS B 202 12.46 9.11 -49.82
N VAL B 203 11.48 8.54 -50.51
CA VAL B 203 10.22 8.11 -49.94
C VAL B 203 9.97 6.69 -50.39
N PRO B 204 9.96 5.74 -49.44
CA PRO B 204 10.11 5.94 -48.00
C PRO B 204 11.51 6.36 -47.55
N GLY B 205 11.57 7.06 -46.43
CA GLY B 205 12.83 7.50 -45.85
C GLY B 205 12.71 8.92 -45.32
N ILE B 206 13.83 9.66 -45.30
CA ILE B 206 13.83 11.04 -44.83
C ILE B 206 12.83 11.90 -45.61
N GLY B 207 12.62 11.52 -46.87
CA GLY B 207 11.70 12.29 -47.71
C GLY B 207 10.28 12.26 -47.20
N SER B 208 9.91 11.14 -46.60
CA SER B 208 8.57 10.95 -46.05
C SER B 208 8.25 12.05 -45.03
N TYR B 209 9.23 12.40 -44.20
CA TYR B 209 9.06 13.47 -43.23
C TYR B 209 9.01 14.82 -43.93
N PHE B 210 10.00 15.10 -44.75
CA PHE B 210 10.06 16.39 -45.45
C PHE B 210 8.79 16.68 -46.28
N ILE B 211 8.44 15.76 -47.16
CA ILE B 211 7.25 15.94 -47.98
C ILE B 211 5.99 16.04 -47.12
N SER B 212 5.96 15.31 -46.00
CA SER B 212 4.80 15.39 -45.10
C SER B 212 4.71 16.80 -44.51
N ASN B 213 5.83 17.30 -44.03
CA ASN B 213 5.83 18.62 -43.49
C ASN B 213 5.47 19.63 -44.61
N ALA B 214 5.99 19.40 -45.81
CA ALA B 214 5.65 20.24 -46.97
C ALA B 214 4.14 20.34 -47.15
N ALA B 215 3.47 19.19 -47.16
CA ALA B 215 2.04 19.12 -47.37
C ALA B 215 1.30 19.95 -46.34
N ARG B 216 1.86 20.01 -45.13
CA ARG B 216 1.22 20.70 -44.01
C ARG B 216 1.36 22.19 -44.21
N ARG B 217 2.57 22.61 -44.55
CA ARG B 217 2.81 24.02 -44.84
C ARG B 217 1.90 24.52 -45.96
N TYR B 218 1.78 23.73 -47.02
CA TYR B 218 0.91 24.09 -48.12
C TYR B 218 -0.51 24.31 -47.65
N PHE B 219 -1.02 23.42 -46.79
CA PHE B 219 -2.38 23.57 -46.32
C PHE B 219 -2.55 24.89 -45.56
N ASN B 220 -1.67 25.13 -44.59
CA ASN B 220 -1.67 26.37 -43.82
C ASN B 220 -1.63 27.62 -44.69
N LEU B 221 -1.16 27.48 -45.93
CA LEU B 221 -1.11 28.63 -46.83
C LEU B 221 -2.32 28.69 -47.77
N GLY B 222 -3.22 27.73 -47.63
CA GLY B 222 -4.41 27.71 -48.47
C GLY B 222 -4.21 27.02 -49.80
N MET B 223 -2.96 26.70 -50.13
CA MET B 223 -2.63 26.00 -51.37
C MET B 223 -2.97 24.52 -51.26
N ASN B 224 -4.28 24.22 -51.31
CA ASN B 224 -4.78 22.87 -51.08
C ASN B 224 -4.35 21.89 -52.17
N ASP B 225 -4.14 22.41 -53.37
CA ASP B 225 -3.76 21.59 -54.51
C ASP B 225 -2.42 20.90 -54.27
N LYS B 226 -1.40 21.69 -53.98
CA LYS B 226 -0.07 21.15 -53.72
C LYS B 226 -0.08 20.32 -52.43
N SER B 227 -0.85 20.76 -51.45
CA SER B 227 -1.00 20.08 -50.18
C SER B 227 -1.39 18.63 -50.39
N LYS B 228 -2.43 18.40 -51.19
CA LYS B 228 -2.92 17.04 -51.49
C LYS B 228 -1.94 16.24 -52.35
N ALA B 229 -1.28 16.92 -53.28
CA ALA B 229 -0.28 16.28 -54.10
C ALA B 229 0.78 15.65 -53.21
N CYS B 230 1.37 16.46 -52.33
CA CYS B 230 2.35 16.00 -51.36
C CYS B 230 1.86 14.83 -50.49
N PHE B 231 0.68 14.99 -49.89
CA PHE B 231 0.11 13.93 -49.05
C PHE B 231 -0.11 12.66 -49.86
N GLU B 232 -0.71 12.81 -51.04
CA GLU B 232 -0.99 11.68 -51.92
C GLU B 232 0.29 10.91 -52.24
N LEU B 233 1.37 11.62 -52.53
CA LEU B 233 2.65 10.98 -52.82
C LEU B 233 3.04 10.00 -51.71
N VAL B 234 3.14 10.51 -50.49
CA VAL B 234 3.51 9.70 -49.32
C VAL B 234 2.49 8.59 -49.07
N ARG B 235 1.20 8.89 -49.21
CA ARG B 235 0.16 7.88 -49.03
C ARG B 235 0.39 6.66 -49.92
N ARG B 236 1.00 6.87 -51.08
CA ARG B 236 1.24 5.79 -52.03
C ARG B 236 2.62 5.11 -51.91
N LYS B 237 3.68 5.92 -51.80
CA LYS B 237 5.04 5.37 -51.70
C LYS B 237 5.39 4.94 -50.27
N ASP B 238 4.53 5.29 -49.33
CA ASP B 238 4.75 5.00 -47.93
C ASP B 238 3.46 5.13 -47.12
N PRO B 239 2.45 4.31 -47.46
CA PRO B 239 1.09 4.45 -46.94
C PRO B 239 1.05 4.32 -45.42
N MET B 240 1.96 3.50 -44.90
CA MET B 240 1.99 3.22 -43.47
C MET B 240 2.58 4.38 -42.68
N PHE B 241 3.45 5.16 -43.31
CA PHE B 241 4.11 6.26 -42.62
C PHE B 241 3.04 7.12 -41.96
N LEU B 242 2.13 7.60 -42.79
CA LEU B 242 0.99 8.38 -42.31
C LEU B 242 0.18 7.65 -41.23
N LYS C 4 5.74 15.24 15.40
CA LYS C 4 5.30 15.67 16.73
C LYS C 4 3.87 15.24 17.01
N LEU C 5 3.13 14.89 15.94
CA LEU C 5 1.75 14.48 16.08
C LEU C 5 1.61 13.24 16.99
N ILE C 6 2.65 12.40 17.02
CA ILE C 6 2.61 11.18 17.82
C ILE C 6 2.44 11.48 19.29
N GLY C 7 3.38 12.23 19.84
CA GLY C 7 3.31 12.57 21.27
C GLY C 7 1.97 13.16 21.65
N LYS C 8 1.38 13.94 20.74
CA LYS C 8 0.09 14.55 21.00
C LYS C 8 -1.04 13.54 20.97
N ILE C 9 -0.90 12.51 20.12
CA ILE C 9 -1.91 11.48 20.04
C ILE C 9 -1.88 10.66 21.33
N CYS C 10 -0.68 10.25 21.74
CA CYS C 10 -0.50 9.48 22.97
C CYS C 10 -1.12 10.26 24.13
N LYS C 11 -0.81 11.55 24.17
CA LYS C 11 -1.35 12.39 25.23
C LYS C 11 -2.87 12.42 25.22
N SER C 12 -3.46 12.44 24.03
CA SER C 12 -4.91 12.46 23.91
C SER C 12 -5.55 11.14 24.33
N ILE C 13 -4.85 10.04 24.08
CA ILE C 13 -5.34 8.73 24.50
C ILE C 13 -5.34 8.66 26.02
N ARG C 14 -4.20 8.96 26.61
CA ARG C 14 -4.04 9.07 28.05
C ARG C 14 -5.10 9.95 28.70
N TYR C 15 -5.61 10.94 27.97
CA TYR C 15 -6.68 11.80 28.53
C TYR C 15 -8.07 11.35 28.09
N ARG C 16 -8.12 10.28 27.32
CA ARG C 16 -9.39 9.73 26.88
C ARG C 16 -10.09 10.74 26.00
N ASP C 17 -9.28 11.64 25.43
CA ASP C 17 -9.76 12.57 24.42
C ASP C 17 -9.57 11.94 23.03
N TYR C 18 -10.51 11.07 22.67
CA TYR C 18 -10.34 10.19 21.53
C TYR C 18 -10.61 10.91 20.21
N GLU C 19 -11.60 11.80 20.19
CA GLU C 19 -11.87 12.64 19.01
C GLU C 19 -10.61 13.36 18.52
N THR C 20 -9.88 13.97 19.43
CA THR C 20 -8.62 14.59 19.04
C THR C 20 -7.65 13.57 18.45
N ALA C 21 -7.56 12.40 19.08
CA ALA C 21 -6.62 11.38 18.64
C ALA C 21 -6.99 10.84 17.27
N ILE C 22 -8.28 10.65 17.04
CA ILE C 22 -8.78 10.21 15.76
C ILE C 22 -8.45 11.31 14.69
N PHE C 23 -8.72 12.56 15.01
CA PHE C 23 -8.41 13.66 14.08
C PHE C 23 -6.92 13.75 13.78
N LEU C 24 -6.10 13.81 14.82
CA LEU C 24 -4.66 13.88 14.64
C LEU C 24 -4.14 12.64 13.91
N ALA C 25 -4.84 11.53 14.09
CA ALA C 25 -4.42 10.29 13.44
C ALA C 25 -4.72 10.42 11.96
N ALA C 26 -5.89 10.98 11.66
CA ALA C 26 -6.32 11.18 10.28
C ALA C 26 -5.33 12.06 9.51
N CYS C 27 -4.69 13.00 10.21
CA CYS C 27 -3.73 13.92 9.56
C CYS C 27 -2.47 13.16 9.23
N LEU C 28 -2.20 12.12 10.03
CA LEU C 28 -0.94 11.40 9.98
C LEU C 28 -0.90 10.32 8.89
N LEU C 29 -2.06 9.77 8.55
CA LEU C 29 -2.17 8.79 7.48
C LEU C 29 -1.25 9.04 6.26
N PRO C 30 -1.22 10.29 5.74
CA PRO C 30 -0.38 10.59 4.56
C PRO C 30 1.12 10.47 4.82
N CYS C 31 1.66 11.39 5.62
CA CYS C 31 3.05 11.36 6.07
C CYS C 31 3.55 9.94 6.33
N LYS C 32 3.05 9.33 7.39
CA LYS C 32 3.54 8.02 7.80
C LYS C 32 2.42 6.97 7.85
N PRO C 33 2.27 6.19 6.76
CA PRO C 33 1.27 5.13 6.63
C PRO C 33 1.50 3.97 7.58
N GLU C 34 2.71 3.85 8.11
CA GLU C 34 3.05 2.77 9.05
C GLU C 34 2.27 2.95 10.35
N TYR C 35 1.19 3.71 10.29
CA TYR C 35 0.47 4.13 11.47
C TYR C 35 -1.03 3.98 11.32
N ARG C 36 -1.48 3.28 10.28
CA ARG C 36 -2.91 3.11 10.09
C ARG C 36 -3.47 2.22 11.21
N MET C 37 -2.59 1.43 11.80
CA MET C 37 -2.93 0.61 12.94
C MET C 37 -3.42 1.52 14.04
N LEU C 38 -2.66 2.59 14.29
CA LEU C 38 -2.94 3.55 15.37
C LEU C 38 -4.33 4.16 15.26
N MET C 39 -4.68 4.52 14.04
CA MET C 39 -6.00 5.02 13.71
C MET C 39 -7.05 3.99 14.10
N SER C 40 -6.81 2.74 13.70
CA SER C 40 -7.71 1.65 14.00
C SER C 40 -7.93 1.47 15.50
N ILE C 41 -6.84 1.50 16.25
CA ILE C 41 -6.88 1.38 17.71
C ILE C 41 -7.70 2.48 18.36
N VAL C 42 -7.35 3.73 18.06
CA VAL C 42 -8.06 4.86 18.66
C VAL C 42 -9.54 4.82 18.31
N LEU C 43 -9.84 4.36 17.11
CA LEU C 43 -11.24 4.20 16.70
C LEU C 43 -11.91 3.10 17.55
N TYR C 44 -11.17 2.01 17.80
CA TYR C 44 -11.68 0.93 18.63
C TYR C 44 -11.95 1.49 20.03
N LEU C 45 -10.97 2.18 20.59
CA LEU C 45 -11.12 2.75 21.92
C LEU C 45 -12.31 3.68 22.02
N ASN C 46 -12.68 4.32 20.91
CA ASN C 46 -13.77 5.28 20.94
C ASN C 46 -15.10 4.61 20.69
N GLY C 47 -15.07 3.27 20.65
CA GLY C 47 -16.29 2.48 20.47
C GLY C 47 -16.76 2.38 19.03
N GLU C 48 -15.90 2.71 18.07
CA GLU C 48 -16.29 2.74 16.67
C GLU C 48 -15.74 1.56 15.87
N TYR C 49 -16.39 0.42 16.02
CA TYR C 49 -15.88 -0.84 15.50
C TYR C 49 -15.99 -0.96 13.98
N THR C 50 -17.14 -0.56 13.43
CA THR C 50 -17.33 -0.64 11.98
C THR C 50 -16.34 0.28 11.26
N ARG C 51 -16.09 1.46 11.82
CA ARG C 51 -15.12 2.38 11.24
C ARG C 51 -13.71 1.82 11.35
N ALA C 52 -13.40 1.22 12.49
CA ALA C 52 -12.07 0.69 12.71
C ALA C 52 -11.82 -0.45 11.72
N LEU C 53 -12.85 -1.25 11.44
CA LEU C 53 -12.73 -2.37 10.51
C LEU C 53 -12.37 -1.89 9.11
N PHE C 54 -12.96 -0.76 8.72
CA PHE C 54 -12.66 -0.19 7.42
C PHE C 54 -11.14 -0.01 7.30
N HIS C 55 -10.51 0.52 8.34
CA HIS C 55 -9.07 0.74 8.25
C HIS C 55 -8.31 -0.56 8.37
N LEU C 56 -8.87 -1.49 9.15
CA LEU C 56 -8.16 -2.72 9.45
C LEU C 56 -8.10 -3.64 8.24
N HIS C 57 -9.15 -3.61 7.42
CA HIS C 57 -9.18 -4.46 6.23
C HIS C 57 -7.98 -4.14 5.34
N LYS C 58 -7.53 -2.90 5.39
CA LYS C 58 -6.41 -2.45 4.56
C LYS C 58 -5.08 -2.97 5.08
N LEU C 59 -5.12 -3.69 6.19
CA LEU C 59 -3.91 -4.18 6.83
C LEU C 59 -3.91 -5.71 6.98
N ASN C 60 -2.76 -6.26 7.37
CA ASN C 60 -2.64 -7.68 7.66
C ASN C 60 -1.45 -7.98 8.59
N THR C 61 -1.56 -7.60 9.85
CA THR C 61 -0.54 -7.99 10.82
C THR C 61 -1.19 -8.67 12.03
N CYS C 62 -0.38 -9.19 12.92
CA CYS C 62 -0.91 -9.79 14.13
C CYS C 62 -1.78 -8.79 14.89
N THR C 63 -1.33 -7.54 14.98
CA THR C 63 -2.06 -6.50 15.72
C THR C 63 -3.35 -6.13 15.00
N SER C 64 -3.31 -6.14 13.69
CA SER C 64 -4.48 -5.71 12.92
C SER C 64 -5.54 -6.79 12.98
N LYS C 65 -5.12 -8.04 12.78
CA LYS C 65 -6.03 -9.18 12.83
C LYS C 65 -6.61 -9.35 14.23
N TYR C 66 -5.81 -9.06 15.23
CA TYR C 66 -6.31 -9.08 16.60
C TYR C 66 -7.43 -8.05 16.84
N TYR C 67 -7.17 -6.77 16.52
CA TYR C 67 -8.23 -5.76 16.66
C TYR C 67 -9.41 -6.06 15.72
N GLU C 68 -9.11 -6.71 14.62
CA GLU C 68 -10.16 -7.08 13.73
C GLU C 68 -11.13 -8.03 14.44
N SER C 69 -10.57 -9.06 15.07
CA SER C 69 -11.34 -10.01 15.87
C SER C 69 -12.12 -9.30 16.98
N LEU C 70 -11.49 -8.35 17.67
CA LEU C 70 -12.22 -7.61 18.71
C LEU C 70 -13.42 -6.87 18.15
N CYS C 71 -13.24 -6.19 17.00
CA CYS C 71 -14.30 -5.40 16.39
C CYS C 71 -15.42 -6.32 15.96
N TYR C 72 -15.06 -7.42 15.32
CA TYR C 72 -16.02 -8.45 14.94
C TYR C 72 -16.81 -9.00 16.12
N LYS C 73 -16.13 -9.19 17.24
CA LYS C 73 -16.78 -9.72 18.44
C LYS C 73 -17.79 -8.70 18.99
N LYS C 74 -17.42 -7.43 19.01
CA LYS C 74 -18.35 -6.38 19.41
C LYS C 74 -19.59 -6.38 18.54
N LYS C 75 -19.40 -6.70 17.26
CA LYS C 75 -20.49 -6.73 16.29
C LYS C 75 -21.13 -8.12 16.24
N LYS C 76 -20.71 -8.99 17.13
CA LYS C 76 -21.23 -10.36 17.20
C LYS C 76 -21.08 -11.17 15.91
N ASP C 77 -20.18 -10.76 15.03
CA ASP C 77 -19.83 -11.58 13.87
C ASP C 77 -18.74 -12.57 14.30
N TYR C 78 -19.15 -13.62 15.00
CA TYR C 78 -18.20 -14.52 15.61
C TYR C 78 -17.37 -15.30 14.58
N LYS C 79 -17.96 -15.61 13.44
CA LYS C 79 -17.26 -16.42 12.45
C LYS C 79 -16.08 -15.65 11.93
N LYS C 80 -16.28 -14.35 11.74
CA LYS C 80 -15.21 -13.50 11.24
C LYS C 80 -14.18 -13.24 12.33
N ALA C 81 -14.66 -12.98 13.55
CA ALA C 81 -13.78 -12.85 14.71
C ALA C 81 -12.83 -14.03 14.80
N ILE C 82 -13.39 -15.24 14.74
CA ILE C 82 -12.61 -16.45 14.77
C ILE C 82 -11.62 -16.54 13.61
N LYS C 83 -12.11 -16.33 12.39
CA LYS C 83 -11.26 -16.38 11.21
C LYS C 83 -10.06 -15.44 11.37
N SER C 84 -10.31 -14.26 11.91
CA SER C 84 -9.26 -13.25 12.05
C SER C 84 -8.15 -13.75 12.97
N LEU C 85 -8.54 -14.37 14.07
CA LEU C 85 -7.58 -14.82 15.07
C LEU C 85 -6.74 -15.98 14.54
N GLU C 86 -7.40 -16.91 13.86
CA GLU C 86 -6.72 -18.08 13.33
C GLU C 86 -5.60 -17.68 12.37
N SER C 87 -5.82 -16.58 11.64
CA SER C 87 -4.81 -16.06 10.75
C SER C 87 -3.49 -15.87 11.50
N ILE C 88 -3.58 -15.36 12.72
CA ILE C 88 -2.40 -15.16 13.55
C ILE C 88 -1.80 -16.48 13.98
N LEU C 89 -2.60 -17.28 14.68
CA LEU C 89 -2.14 -18.57 15.20
C LEU C 89 -1.63 -19.49 14.09
N GLU C 90 -2.23 -19.39 12.92
CA GLU C 90 -1.79 -20.15 11.75
C GLU C 90 -0.59 -19.48 11.07
N GLY C 91 -0.20 -18.32 11.58
CA GLY C 91 0.97 -17.61 11.09
C GLY C 91 0.89 -17.12 9.65
N LYS C 92 -0.25 -16.54 9.28
CA LYS C 92 -0.42 -15.98 7.95
C LYS C 92 -0.50 -14.44 7.95
N VAL C 93 0.20 -13.82 8.90
CA VAL C 93 0.25 -12.36 9.00
C VAL C 93 1.69 -11.86 8.98
N GLU C 94 1.88 -10.59 8.62
CA GLU C 94 3.21 -10.00 8.57
C GLU C 94 3.58 -9.40 9.93
N ARG C 95 4.88 -9.18 10.13
CA ARG C 95 5.37 -8.44 11.29
C ARG C 95 4.94 -6.98 11.16
N ASP C 96 4.43 -6.41 12.25
CA ASP C 96 4.09 -4.99 12.26
C ASP C 96 5.31 -4.15 11.89
N PRO C 97 5.08 -2.95 11.35
CA PRO C 97 6.15 -2.05 10.97
C PRO C 97 6.96 -1.56 12.18
N ASP C 98 8.25 -1.33 11.97
CA ASP C 98 9.04 -0.60 12.95
C ASP C 98 8.42 0.80 13.09
N VAL C 99 7.96 1.14 14.28
CA VAL C 99 7.31 2.44 14.47
C VAL C 99 7.86 3.16 15.70
N ASP C 100 7.43 4.41 15.89
CA ASP C 100 7.72 5.13 17.13
C ASP C 100 7.50 4.20 18.32
N ALA C 101 8.41 4.28 19.30
CA ALA C 101 8.39 3.40 20.45
C ALA C 101 7.09 3.50 21.26
N ARG C 102 6.50 4.69 21.29
CA ARG C 102 5.26 4.90 22.05
C ARG C 102 4.09 4.17 21.40
N ILE C 103 4.18 4.00 20.09
CA ILE C 103 3.17 3.30 19.32
C ILE C 103 3.39 1.80 19.42
N GLN C 104 4.65 1.39 19.38
CA GLN C 104 5.01 -0.02 19.35
C GLN C 104 4.41 -0.73 20.56
N GLU C 105 4.43 -0.04 21.70
CA GLU C 105 3.91 -0.58 22.96
C GLU C 105 2.45 -1.00 22.84
N MET C 106 1.73 -0.43 21.89
CA MET C 106 0.30 -0.72 21.76
C MET C 106 0.10 -1.92 20.85
N PHE C 107 1.21 -2.52 20.42
CA PHE C 107 1.13 -3.61 19.46
C PHE C 107 1.14 -4.98 20.11
N VAL C 108 0.68 -5.96 19.34
CA VAL C 108 0.47 -7.31 19.81
C VAL C 108 1.63 -8.23 19.43
N ASP C 109 2.16 -8.94 20.42
CA ASP C 109 3.24 -9.90 20.20
C ASP C 109 2.65 -11.29 19.97
N PRO C 110 3.00 -11.93 18.84
CA PRO C 110 2.44 -13.25 18.50
C PRO C 110 2.85 -14.34 19.48
N GLY C 111 3.71 -14.02 20.44
CA GLY C 111 4.16 -14.97 21.42
C GLY C 111 3.26 -14.98 22.64
N ASP C 112 2.32 -14.05 22.69
CA ASP C 112 1.35 -13.97 23.78
C ASP C 112 0.07 -14.74 23.43
N GLU C 113 0.20 -16.04 23.20
CA GLU C 113 -0.91 -16.84 22.69
C GLU C 113 -2.02 -17.08 23.71
N GLU C 114 -1.75 -16.88 24.98
CA GLU C 114 -2.80 -16.98 25.99
C GLU C 114 -4.00 -16.14 25.57
N PHE C 115 -3.73 -14.89 25.19
CA PHE C 115 -4.77 -13.94 24.77
C PHE C 115 -5.59 -14.38 23.56
N PHE C 116 -4.94 -15.01 22.59
CA PHE C 116 -5.63 -15.52 21.39
C PHE C 116 -6.50 -16.75 21.71
N GLU C 117 -5.94 -17.70 22.45
CA GLU C 117 -6.67 -18.91 22.86
C GLU C 117 -7.86 -18.57 23.75
N SER C 118 -7.67 -17.57 24.60
CA SER C 118 -8.73 -17.10 25.49
C SER C 118 -9.89 -16.52 24.68
N LEU C 119 -9.55 -15.62 23.76
CA LEU C 119 -10.54 -14.98 22.91
C LEU C 119 -11.19 -16.03 22.02
N LEU C 120 -10.38 -16.94 21.51
CA LEU C 120 -10.86 -18.07 20.74
C LEU C 120 -11.84 -18.93 21.58
N GLY C 121 -11.59 -19.02 22.87
CA GLY C 121 -12.47 -19.78 23.74
C GLY C 121 -13.81 -19.11 23.83
N ASP C 122 -13.79 -17.80 24.05
CA ASP C 122 -15.01 -16.99 24.12
C ASP C 122 -15.83 -17.07 22.84
N LEU C 123 -15.12 -16.95 21.71
CA LEU C 123 -15.77 -17.01 20.40
C LEU C 123 -16.43 -18.37 20.14
N CYS C 124 -15.70 -19.47 20.37
CA CYS C 124 -16.26 -20.83 20.19
C CYS C 124 -17.49 -20.98 21.05
N THR C 125 -17.36 -20.58 22.32
CA THR C 125 -18.48 -20.61 23.26
C THR C 125 -19.68 -19.81 22.78
N LEU C 126 -19.46 -18.53 22.49
CA LEU C 126 -20.55 -17.66 22.07
C LEU C 126 -21.16 -18.17 20.78
N SER C 127 -20.36 -18.94 20.04
CA SER C 127 -20.73 -19.37 18.70
C SER C 127 -21.39 -20.77 18.74
N GLY C 128 -21.48 -21.34 19.94
CA GLY C 128 -22.15 -22.61 20.12
C GLY C 128 -21.25 -23.83 20.14
N TYR C 129 -19.94 -23.64 20.20
CA TYR C 129 -19.01 -24.75 20.29
C TYR C 129 -18.31 -24.76 21.65
N ARG C 130 -19.05 -25.17 22.68
CA ARG C 130 -18.57 -25.13 24.05
C ARG C 130 -17.32 -26.01 24.27
N GLU C 131 -17.38 -27.26 23.82
CA GLU C 131 -16.29 -28.20 24.04
C GLU C 131 -14.97 -27.72 23.42
N GLU C 132 -15.03 -27.27 22.17
CA GLU C 132 -13.86 -26.69 21.51
C GLU C 132 -13.37 -25.44 22.26
N GLY C 133 -14.32 -24.63 22.72
CA GLY C 133 -14.01 -23.46 23.54
C GLY C 133 -13.22 -23.82 24.78
N ILE C 134 -13.71 -24.82 25.52
CA ILE C 134 -13.03 -25.32 26.71
C ILE C 134 -11.59 -25.67 26.37
N GLY C 135 -11.40 -26.29 25.21
CA GLY C 135 -10.08 -26.67 24.73
C GLY C 135 -9.15 -25.47 24.56
N HIS C 136 -9.69 -24.35 24.05
CA HIS C 136 -8.88 -23.13 23.95
C HIS C 136 -8.62 -22.56 25.34
N TYR C 137 -9.63 -22.60 26.21
CA TYR C 137 -9.43 -22.14 27.59
C TYR C 137 -8.35 -22.95 28.29
N VAL C 138 -8.38 -24.26 28.08
CA VAL C 138 -7.38 -25.13 28.66
C VAL C 138 -6.00 -24.76 28.13
N ARG C 139 -5.89 -24.57 26.82
CA ARG C 139 -4.60 -24.31 26.20
C ARG C 139 -4.10 -22.94 26.66
N SER C 140 -5.02 -22.01 26.82
CA SER C 140 -4.69 -20.69 27.31
C SER C 140 -4.19 -20.71 28.75
N PHE C 141 -4.93 -21.42 29.60
CA PHE C 141 -4.59 -21.49 31.03
C PHE C 141 -3.24 -22.15 31.22
N GLY C 142 -2.90 -23.07 30.33
CA GLY C 142 -1.61 -23.73 30.36
C GLY C 142 -0.43 -22.78 30.24
N LYS C 143 -0.64 -21.63 29.62
CA LYS C 143 0.45 -20.67 29.49
C LYS C 143 0.42 -19.62 30.59
N SER C 144 -0.77 -19.19 30.98
CA SER C 144 -0.87 -18.02 31.84
C SER C 144 -2.27 -17.82 32.37
N PHE C 145 -2.37 -17.26 33.57
CA PHE C 145 -3.64 -16.91 34.16
C PHE C 145 -4.32 -15.79 33.35
N LEU C 146 -5.53 -16.06 32.86
CA LEU C 146 -6.41 -15.02 32.37
C LEU C 146 -7.79 -15.32 32.94
N PHE C 147 -8.59 -14.27 33.08
CA PHE C 147 -9.86 -14.32 33.75
C PHE C 147 -10.90 -15.20 33.09
N SER C 148 -11.03 -15.10 31.77
CA SER C 148 -12.08 -15.86 31.10
C SER C 148 -11.86 -17.39 31.06
N PRO C 149 -10.63 -17.84 30.73
CA PRO C 149 -10.35 -19.28 30.79
C PRO C 149 -10.52 -19.82 32.24
N VAL C 150 -9.95 -19.12 33.21
CA VAL C 150 -10.07 -19.51 34.60
C VAL C 150 -11.53 -19.62 35.06
N GLU C 151 -12.32 -18.57 34.85
CA GLU C 151 -13.71 -18.60 35.33
C GLU C 151 -14.59 -19.65 34.64
N ASN C 152 -14.31 -19.90 33.37
CA ASN C 152 -15.05 -20.87 32.57
C ASN C 152 -14.65 -22.30 32.88
N LEU C 153 -13.35 -22.48 33.16
CA LEU C 153 -12.85 -23.79 33.52
C LEU C 153 -13.30 -24.17 34.93
N LEU C 154 -13.28 -23.21 35.85
CA LEU C 154 -13.82 -23.46 37.17
C LEU C 154 -15.31 -23.80 37.08
N LEU C 155 -16.04 -22.99 36.36
CA LEU C 155 -17.46 -23.20 36.14
C LEU C 155 -17.76 -24.62 35.64
N GLU C 156 -16.91 -25.13 34.75
CA GLU C 156 -17.12 -26.45 34.15
C GLU C 156 -16.42 -27.55 34.95
N ASN C 157 -15.78 -27.18 36.04
CA ASN C 157 -14.95 -28.09 36.82
C ASN C 157 -13.88 -28.74 35.96
N LYS C 158 -13.61 -28.16 34.79
CA LYS C 158 -12.65 -28.73 33.86
C LYS C 158 -11.26 -28.06 33.91
N VAL C 159 -10.94 -27.45 35.03
CA VAL C 159 -9.61 -26.89 35.24
C VAL C 159 -8.60 -28.02 35.43
N PRO C 160 -7.47 -27.95 34.70
CA PRO C 160 -6.42 -28.97 34.72
C PRO C 160 -5.57 -28.91 35.99
N GLN C 161 -5.47 -30.03 36.70
CA GLN C 161 -4.74 -30.08 37.96
C GLN C 161 -3.56 -31.04 37.87
N LYS C 162 -2.57 -30.81 38.73
CA LYS C 162 -1.38 -31.67 38.79
C LYS C 162 -1.69 -33.00 39.44
N ARG C 163 -0.66 -33.65 39.96
CA ARG C 163 -0.84 -34.87 40.74
C ARG C 163 -0.61 -34.56 42.23
N ASP C 164 -0.01 -33.41 42.49
CA ASP C 164 0.06 -32.83 43.83
C ASP C 164 0.74 -33.74 44.85
N ARG C 173 2.81 -20.75 37.67
CA ARG C 173 2.57 -21.78 38.69
C ARG C 173 2.28 -21.16 40.06
N ARG C 174 2.81 -19.96 40.29
CA ARG C 174 2.67 -19.30 41.58
C ARG C 174 1.96 -17.95 41.47
N GLY C 175 1.50 -17.42 42.60
CA GLY C 175 0.82 -16.15 42.58
C GLY C 175 -0.42 -16.14 43.43
N ILE C 176 -0.88 -14.92 43.76
CA ILE C 176 -2.11 -14.79 44.54
C ILE C 176 -3.29 -15.27 43.72
N GLU C 177 -3.21 -15.08 42.41
CA GLU C 177 -4.28 -15.54 41.54
C GLU C 177 -4.25 -17.06 41.40
N GLU C 178 -3.06 -17.65 41.42
CA GLU C 178 -2.95 -19.11 41.30
C GLU C 178 -3.43 -19.77 42.58
N GLU C 179 -3.26 -19.08 43.69
CA GLU C 179 -3.83 -19.50 44.97
C GLU C 179 -5.35 -19.39 44.94
N TYR C 180 -5.87 -18.39 44.23
CA TYR C 180 -7.30 -18.20 44.12
C TYR C 180 -7.93 -19.37 43.36
N VAL C 181 -7.20 -19.82 42.34
CA VAL C 181 -7.65 -20.96 41.57
C VAL C 181 -7.59 -22.25 42.40
N SER C 182 -6.50 -22.44 43.13
CA SER C 182 -6.35 -23.60 44.00
C SER C 182 -7.51 -23.68 44.98
N ASP C 183 -7.79 -22.56 45.64
CA ASP C 183 -8.85 -22.51 46.64
C ASP C 183 -10.19 -22.87 46.02
N SER C 184 -10.42 -22.36 44.81
CA SER C 184 -11.66 -22.59 44.09
C SER C 184 -11.81 -24.06 43.76
N ILE C 185 -10.74 -24.69 43.26
CA ILE C 185 -10.83 -26.09 42.93
C ILE C 185 -11.20 -26.87 44.21
N GLU C 186 -10.50 -26.53 45.29
CA GLU C 186 -10.73 -27.22 46.54
C GLU C 186 -12.13 -27.00 47.08
N PHE C 187 -12.60 -25.75 47.03
CA PHE C 187 -13.90 -25.45 47.61
C PHE C 187 -14.99 -26.19 46.83
N HIS C 188 -14.79 -26.32 45.52
CA HIS C 188 -15.79 -26.95 44.69
C HIS C 188 -16.09 -28.36 45.19
N GLU C 189 -15.03 -29.09 45.50
CA GLU C 189 -15.18 -30.48 45.90
C GLU C 189 -15.29 -30.68 47.41
N SER C 190 -15.02 -29.62 48.19
CA SER C 190 -15.06 -29.78 49.65
C SER C 190 -16.05 -28.85 50.35
N LEU C 191 -16.50 -27.81 49.68
CA LEU C 191 -17.41 -26.85 50.30
C LEU C 191 -16.84 -26.30 51.60
N SER C 192 -15.51 -26.23 51.68
CA SER C 192 -14.79 -25.79 52.89
C SER C 192 -15.19 -24.41 53.44
N PRO C 193 -15.84 -24.38 54.61
CA PRO C 193 -16.29 -23.15 55.29
C PRO C 193 -15.13 -22.26 55.72
N SER C 194 -13.97 -22.87 55.96
CA SER C 194 -12.77 -22.11 56.28
C SER C 194 -12.34 -21.27 55.07
N LEU C 195 -12.56 -21.80 53.88
CA LEU C 195 -12.24 -21.11 52.64
C LEU C 195 -13.16 -19.91 52.44
N VAL C 196 -14.46 -20.13 52.63
CA VAL C 196 -15.48 -19.09 52.53
C VAL C 196 -15.22 -17.94 53.49
N LYS C 197 -14.83 -18.29 54.71
CA LYS C 197 -14.56 -17.30 55.75
C LYS C 197 -13.29 -16.53 55.40
N LYS C 198 -12.33 -17.22 54.80
CA LYS C 198 -11.07 -16.60 54.41
C LYS C 198 -11.28 -15.50 53.37
N TYR C 199 -12.12 -15.76 52.39
CA TYR C 199 -12.38 -14.81 51.30
C TYR C 199 -13.48 -13.81 51.62
N MET C 200 -14.17 -14.04 52.73
CA MET C 200 -15.26 -13.18 53.17
C MET C 200 -14.69 -11.81 53.56
N GLU C 201 -13.44 -11.80 54.03
CA GLU C 201 -12.78 -10.58 54.49
C GLU C 201 -12.34 -9.67 53.35
N HIS C 202 -12.31 -10.20 52.13
CA HIS C 202 -11.87 -9.42 50.97
C HIS C 202 -13.02 -9.14 50.00
N VAL C 203 -14.08 -8.55 50.53
CA VAL C 203 -15.23 -8.11 49.75
C VAL C 203 -15.54 -6.69 50.15
N PRO C 204 -15.39 -5.74 49.22
CA PRO C 204 -15.01 -5.91 47.81
C PRO C 204 -13.56 -6.33 47.60
N GLY C 205 -13.32 -7.02 46.48
CA GLY C 205 -11.99 -7.50 46.13
C GLY C 205 -12.04 -8.94 45.61
N ILE C 206 -10.94 -9.67 45.75
CA ILE C 206 -10.87 -11.06 45.28
C ILE C 206 -12.00 -11.89 45.90
N GLY C 207 -12.40 -11.54 47.11
CA GLY C 207 -13.44 -12.29 47.80
C GLY C 207 -14.76 -12.24 47.06
N SER C 208 -15.01 -11.14 46.39
CA SER C 208 -16.26 -10.94 45.64
C SER C 208 -16.42 -12.03 44.58
N TYR C 209 -15.31 -12.37 43.92
CA TYR C 209 -15.33 -13.45 42.94
C TYR C 209 -15.50 -14.80 43.64
N PHE C 210 -14.68 -15.09 44.64
CA PHE C 210 -14.72 -16.39 45.32
C PHE C 210 -16.11 -16.68 45.92
N ILE C 211 -16.58 -15.79 46.77
CA ILE C 211 -17.90 -15.94 47.36
C ILE C 211 -19.01 -16.02 46.30
N SER C 212 -18.87 -15.26 45.21
CA SER C 212 -19.85 -15.34 44.12
C SER C 212 -19.86 -16.75 43.53
N ASN C 213 -18.68 -17.27 43.24
CA ASN C 213 -18.60 -18.59 42.69
C ASN C 213 -19.15 -19.59 43.73
N ALA C 214 -18.84 -19.37 45.00
CA ALA C 214 -19.34 -20.21 46.09
C ALA C 214 -20.86 -20.31 46.04
N ALA C 215 -21.51 -19.15 45.96
CA ALA C 215 -22.98 -19.07 45.93
C ALA C 215 -23.54 -19.91 44.79
N ARG C 216 -22.81 -19.94 43.68
CA ARG C 216 -23.26 -20.63 42.47
C ARG C 216 -23.15 -22.13 42.69
N ARG C 217 -22.02 -22.56 43.23
CA ARG C 217 -21.83 -23.97 43.55
C ARG C 217 -22.92 -24.47 44.49
N TYR C 218 -23.19 -23.68 45.54
CA TYR C 218 -24.23 -24.03 46.48
C TYR C 218 -25.57 -24.24 45.78
N PHE C 219 -25.91 -23.36 44.85
CA PHE C 219 -27.18 -23.50 44.17
C PHE C 219 -27.25 -24.82 43.39
N ASN C 220 -26.21 -25.06 42.58
CA ASN C 220 -26.10 -26.29 41.82
C ASN C 220 -26.21 -27.56 42.69
N LEU C 221 -25.94 -27.42 43.99
CA LEU C 221 -26.04 -28.56 44.88
C LEU C 221 -27.38 -28.61 45.62
N GLY C 222 -28.25 -27.65 45.34
CA GLY C 222 -29.56 -27.62 45.97
C GLY C 222 -29.56 -26.93 47.32
N MET C 223 -28.38 -26.63 47.85
CA MET C 223 -28.25 -25.92 49.13
C MET C 223 -28.56 -24.43 48.96
N ASN C 224 -29.85 -24.13 48.80
CA ASN C 224 -30.30 -22.78 48.49
C ASN C 224 -30.05 -21.80 49.63
N ASP C 225 -30.04 -22.32 50.85
CA ASP C 225 -29.84 -21.49 52.04
C ASP C 225 -28.48 -20.81 52.01
N LYS C 226 -27.43 -21.61 51.87
CA LYS C 226 -26.08 -21.09 51.84
C LYS C 226 -25.86 -20.25 50.58
N SER C 227 -26.48 -20.69 49.49
CA SER C 227 -26.41 -20.01 48.21
C SER C 227 -26.83 -18.55 48.36
N LYS C 228 -27.98 -18.32 48.99
CA LYS C 228 -28.51 -16.96 49.20
C LYS C 228 -27.67 -16.15 50.19
N ALA C 229 -27.18 -16.83 51.22
CA ALA C 229 -26.30 -16.20 52.19
C ALA C 229 -25.11 -15.58 51.48
N CYS C 230 -24.41 -16.40 50.70
CA CYS C 230 -23.27 -15.94 49.91
C CYS C 230 -23.61 -14.77 48.97
N PHE C 231 -24.68 -14.91 48.19
CA PHE C 231 -25.10 -13.87 47.27
C PHE C 231 -25.44 -12.59 48.04
N GLU C 232 -26.24 -12.75 49.10
CA GLU C 232 -26.63 -11.62 49.92
C GLU C 232 -25.43 -10.85 50.46
N LEU C 233 -24.40 -11.57 50.93
CA LEU C 233 -23.18 -10.93 51.40
C LEU C 233 -22.61 -9.97 50.36
N VAL C 234 -22.32 -10.49 49.17
CA VAL C 234 -21.78 -9.67 48.09
C VAL C 234 -22.74 -8.55 47.67
N ARG C 235 -24.04 -8.84 47.61
CA ARG C 235 -25.03 -7.82 47.27
C ARG C 235 -24.92 -6.60 48.18
N ARG C 236 -24.51 -6.82 49.43
CA ARG C 236 -24.41 -5.71 50.39
C ARG C 236 -23.02 -5.07 50.49
N LYS C 237 -21.97 -5.87 50.56
CA LYS C 237 -20.61 -5.34 50.67
C LYS C 237 -20.03 -4.92 49.32
N ASP C 238 -20.75 -5.25 48.25
CA ASP C 238 -20.29 -4.97 46.90
C ASP C 238 -21.44 -5.09 45.91
N PRO C 239 -22.48 -4.27 46.09
CA PRO C 239 -23.75 -4.39 45.34
C PRO C 239 -23.55 -4.26 43.85
N MET C 240 -22.57 -3.46 43.46
CA MET C 240 -22.36 -3.17 42.05
C MET C 240 -21.47 -4.20 41.36
N PHE C 241 -20.85 -5.10 42.14
CA PHE C 241 -20.09 -6.21 41.56
C PHE C 241 -21.02 -7.08 40.73
N LEU C 242 -22.05 -7.60 41.39
CA LEU C 242 -23.03 -8.47 40.72
C LEU C 242 -23.83 -7.73 39.65
N SER D 3 29.05 5.42 -39.60
CA SER D 3 28.58 6.79 -39.40
C SER D 3 28.34 7.09 -37.92
N LYS D 4 28.46 8.38 -37.58
CA LYS D 4 28.21 8.85 -36.22
C LYS D 4 26.75 8.65 -35.84
N LEU D 5 25.91 8.44 -36.86
CA LEU D 5 24.47 8.20 -36.65
C LEU D 5 24.19 6.96 -35.78
N ILE D 6 25.08 5.99 -35.81
CA ILE D 6 24.92 4.79 -35.02
C ILE D 6 24.89 5.11 -33.53
N GLY D 7 25.96 5.72 -33.02
CA GLY D 7 26.03 6.06 -31.62
C GLY D 7 24.79 6.81 -31.15
N LYS D 8 24.26 7.66 -32.03
CA LYS D 8 23.10 8.47 -31.70
C LYS D 8 21.81 7.61 -31.64
N ILE D 9 21.73 6.63 -32.53
CA ILE D 9 20.57 5.75 -32.53
C ILE D 9 20.56 4.89 -31.25
N CYS D 10 21.71 4.32 -30.89
CA CYS D 10 21.82 3.53 -29.68
C CYS D 10 21.42 4.38 -28.51
N LYS D 11 21.91 5.61 -28.49
CA LYS D 11 21.59 6.50 -27.39
C LYS D 11 20.09 6.77 -27.33
N SER D 12 19.43 6.82 -28.48
CA SER D 12 18.00 7.13 -28.51
C SER D 12 17.16 5.93 -28.04
N ILE D 13 17.66 4.74 -28.34
CA ILE D 13 17.01 3.52 -27.91
C ILE D 13 17.11 3.45 -26.38
N ARG D 14 18.33 3.55 -25.88
CA ARG D 14 18.57 3.60 -24.45
C ARG D 14 17.69 4.64 -23.75
N TYR D 15 17.30 5.71 -24.44
CA TYR D 15 16.41 6.69 -23.80
C TYR D 15 14.96 6.46 -24.16
N ARG D 16 14.69 5.39 -24.90
CA ARG D 16 13.32 5.10 -25.31
C ARG D 16 12.74 6.24 -26.16
N ASP D 17 13.64 7.01 -26.77
CA ASP D 17 13.25 8.01 -27.75
C ASP D 17 13.27 7.34 -29.12
N TYR D 18 12.20 6.64 -29.43
CA TYR D 18 12.17 5.79 -30.60
C TYR D 18 11.93 6.57 -31.92
N GLU D 19 11.07 7.59 -31.88
CA GLU D 19 10.87 8.47 -33.03
C GLU D 19 12.19 8.98 -33.59
N THR D 20 13.07 9.47 -32.73
CA THR D 20 14.41 9.86 -33.15
C THR D 20 15.17 8.72 -33.79
N ALA D 21 15.08 7.54 -33.17
CA ALA D 21 15.85 6.38 -33.66
C ALA D 21 15.34 5.94 -35.03
N ILE D 22 14.03 5.97 -35.18
CA ILE D 22 13.40 5.65 -36.45
C ILE D 22 13.84 6.66 -37.53
N PHE D 23 13.78 7.95 -37.22
CA PHE D 23 14.23 8.99 -38.14
C PHE D 23 15.69 8.85 -38.50
N LEU D 24 16.57 8.75 -37.51
CA LEU D 24 17.98 8.59 -37.78
C LEU D 24 18.28 7.30 -38.52
N ALA D 25 17.44 6.30 -38.32
CA ALA D 25 17.62 5.04 -38.99
C ALA D 25 17.27 5.22 -40.45
N ALA D 26 16.18 5.96 -40.70
CA ALA D 26 15.72 6.25 -42.04
C ALA D 26 16.79 6.99 -42.87
N CYS D 27 17.58 7.81 -42.20
CA CYS D 27 18.67 8.56 -42.86
C CYS D 27 19.76 7.61 -43.30
N LEU D 28 19.92 6.53 -42.53
CA LEU D 28 21.07 5.64 -42.64
C LEU D 28 20.87 4.59 -43.72
N LEU D 29 19.62 4.25 -43.99
CA LEU D 29 19.29 3.29 -45.06
C LEU D 29 20.18 3.40 -46.31
N PRO D 30 20.41 4.63 -46.78
CA PRO D 30 21.41 4.84 -47.84
C PRO D 30 22.82 4.39 -47.43
N CYS D 31 22.93 3.20 -46.85
CA CYS D 31 24.21 2.63 -46.41
C CYS D 31 24.07 1.16 -46.04
N LYS D 32 23.15 0.45 -46.69
CA LYS D 32 22.95 -0.99 -46.45
C LYS D 32 22.03 -1.30 -45.27
N TYR D 35 22.07 -2.43 -42.60
CA TYR D 35 21.52 -1.75 -41.44
C TYR D 35 20.02 -1.49 -41.56
N ARG D 36 19.34 -2.29 -42.39
CA ARG D 36 17.88 -2.22 -42.47
C ARG D 36 17.23 -3.02 -41.32
N MET D 37 18.01 -3.95 -40.78
CA MET D 37 17.60 -4.73 -39.63
C MET D 37 17.30 -3.75 -38.49
N LEU D 38 18.21 -2.81 -38.28
CA LEU D 38 18.14 -1.85 -37.17
C LEU D 38 16.88 -1.00 -37.22
N MET D 39 16.51 -0.62 -38.43
CA MET D 39 15.28 0.09 -38.67
C MET D 39 14.10 -0.77 -38.22
N SER D 40 14.11 -2.02 -38.63
CA SER D 40 13.06 -2.97 -38.29
C SER D 40 12.91 -3.10 -36.78
N ILE D 41 14.03 -3.26 -36.09
CA ILE D 41 14.04 -3.41 -34.64
C ILE D 41 13.44 -2.21 -33.91
N VAL D 42 13.96 -1.02 -34.22
CA VAL D 42 13.46 0.19 -33.60
C VAL D 42 11.96 0.38 -33.87
N LEU D 43 11.52 -0.03 -35.05
CA LEU D 43 10.10 0.04 -35.39
C LEU D 43 9.33 -0.96 -34.53
N TYR D 44 9.91 -2.14 -34.32
CA TYR D 44 9.29 -3.14 -33.44
C TYR D 44 9.18 -2.57 -32.03
N LEU D 45 10.30 -2.05 -31.51
CA LEU D 45 10.28 -1.47 -30.16
C LEU D 45 9.25 -0.37 -29.99
N ASN D 46 8.95 0.35 -31.08
CA ASN D 46 8.01 1.47 -31.01
C ASN D 46 6.58 1.00 -31.17
N GLY D 47 6.39 -0.31 -31.25
CA GLY D 47 5.06 -0.88 -31.38
C GLY D 47 4.51 -0.92 -32.80
N GLU D 48 5.38 -0.74 -33.81
CA GLU D 48 4.91 -0.62 -35.19
C GLU D 48 5.24 -1.86 -36.02
N TYR D 49 4.45 -2.91 -35.81
CA TYR D 49 4.72 -4.23 -36.37
C TYR D 49 4.50 -4.33 -37.89
N THR D 50 3.43 -3.71 -38.39
CA THR D 50 3.16 -3.74 -39.82
C THR D 50 4.25 -2.99 -40.59
N ARG D 51 4.70 -1.88 -40.01
CA ARG D 51 5.76 -1.11 -40.66
C ARG D 51 7.08 -1.87 -40.62
N ALA D 52 7.29 -2.60 -39.52
CA ALA D 52 8.54 -3.31 -39.36
C ALA D 52 8.58 -4.47 -40.33
N LEU D 53 7.42 -5.04 -40.61
CA LEU D 53 7.33 -6.17 -41.53
C LEU D 53 7.69 -5.74 -42.95
N PHE D 54 7.25 -4.54 -43.33
CA PHE D 54 7.59 -3.98 -44.62
C PHE D 54 9.10 -4.03 -44.82
N HIS D 55 9.86 -3.58 -43.82
CA HIS D 55 11.31 -3.61 -43.96
C HIS D 55 11.88 -5.02 -43.89
N LEU D 56 11.23 -5.86 -43.08
CA LEU D 56 11.73 -7.19 -42.81
C LEU D 56 11.58 -8.10 -44.01
N HIS D 57 10.50 -7.92 -44.76
CA HIS D 57 10.31 -8.71 -45.98
C HIS D 57 11.49 -8.57 -46.92
N LYS D 58 12.15 -7.42 -46.89
CA LYS D 58 13.26 -7.15 -47.78
C LYS D 58 14.53 -7.87 -47.33
N LEU D 59 14.44 -8.59 -46.22
CA LEU D 59 15.59 -9.28 -45.66
C LEU D 59 15.37 -10.79 -45.52
N ASN D 60 16.44 -11.51 -45.22
CA ASN D 60 16.37 -12.92 -44.92
C ASN D 60 17.53 -13.42 -44.06
N THR D 61 17.53 -13.06 -42.77
CA THR D 61 18.53 -13.58 -41.85
C THR D 61 17.84 -14.17 -40.63
N CYS D 62 18.60 -14.82 -39.78
CA CYS D 62 18.05 -15.33 -38.54
C CYS D 62 17.38 -14.19 -37.76
N THR D 63 18.04 -13.04 -37.68
CA THR D 63 17.50 -11.93 -36.89
C THR D 63 16.23 -11.39 -37.53
N SER D 64 16.22 -11.30 -38.85
CA SER D 64 15.07 -10.74 -39.57
C SER D 64 13.88 -11.66 -39.44
N LYS D 65 14.10 -12.95 -39.65
CA LYS D 65 13.02 -13.93 -39.56
C LYS D 65 12.49 -14.03 -38.13
N TYR D 66 13.38 -13.87 -37.16
CA TYR D 66 12.96 -13.80 -35.77
C TYR D 66 12.01 -12.62 -35.48
N TYR D 67 12.44 -11.41 -35.83
CA TYR D 67 11.59 -10.24 -35.62
C TYR D 67 10.33 -10.32 -36.47
N GLU D 68 10.46 -10.98 -37.61
CA GLU D 68 9.31 -11.21 -38.46
C GLU D 68 8.28 -12.01 -37.66
N SER D 69 8.72 -13.14 -37.08
CA SER D 69 7.84 -13.96 -36.26
C SER D 69 7.23 -13.18 -35.08
N LEU D 70 8.01 -12.30 -34.45
CA LEU D 70 7.47 -11.50 -33.37
C LEU D 70 6.36 -10.59 -33.86
N CYS D 71 6.58 -9.94 -35.00
CA CYS D 71 5.63 -8.96 -35.53
C CYS D 71 4.38 -9.70 -35.92
N TYR D 72 4.55 -10.84 -36.58
CA TYR D 72 3.40 -11.68 -36.94
C TYR D 72 2.59 -12.14 -35.71
N LYS D 73 3.30 -12.42 -34.62
CA LYS D 73 2.64 -12.87 -33.40
C LYS D 73 1.81 -11.75 -32.78
N LYS D 74 2.37 -10.54 -32.76
CA LYS D 74 1.62 -9.36 -32.33
C LYS D 74 0.33 -9.20 -33.13
N LYS D 75 0.41 -9.50 -34.42
CA LYS D 75 -0.71 -9.33 -35.35
C LYS D 75 -1.56 -10.59 -35.39
N LYS D 76 -1.22 -11.55 -34.53
CA LYS D 76 -1.95 -12.82 -34.42
C LYS D 76 -1.98 -13.63 -35.72
N ASP D 77 -1.05 -13.36 -36.62
CA ASP D 77 -0.90 -14.20 -37.81
C ASP D 77 0.03 -15.36 -37.46
N TYR D 78 -0.51 -16.34 -36.75
CA TYR D 78 0.32 -17.38 -36.16
C TYR D 78 0.98 -18.28 -37.22
N LYS D 79 0.28 -18.51 -38.32
CA LYS D 79 0.81 -19.39 -39.35
C LYS D 79 2.07 -18.79 -39.97
N LYS D 80 2.07 -17.47 -40.12
CA LYS D 80 3.22 -16.79 -40.69
C LYS D 80 4.34 -16.70 -39.65
N ALA D 81 3.97 -16.37 -38.41
CA ALA D 81 4.92 -16.38 -37.29
C ALA D 81 5.67 -17.72 -37.26
N ILE D 82 4.91 -18.81 -37.28
CA ILE D 82 5.50 -20.15 -37.28
C ILE D 82 6.40 -20.37 -38.49
N LYS D 83 5.89 -20.07 -39.68
CA LYS D 83 6.67 -20.25 -40.89
C LYS D 83 8.01 -19.51 -40.80
N SER D 84 7.97 -18.28 -40.27
CA SER D 84 9.17 -17.47 -40.17
C SER D 84 10.24 -18.11 -39.31
N LEU D 85 9.83 -18.67 -38.18
CA LEU D 85 10.75 -19.30 -37.24
C LEU D 85 11.36 -20.58 -37.82
N GLU D 86 10.53 -21.38 -38.46
CA GLU D 86 10.99 -22.63 -39.05
C GLU D 86 12.11 -22.39 -40.06
N SER D 87 12.02 -21.29 -40.79
CA SER D 87 13.08 -20.92 -41.73
C SER D 87 14.44 -20.93 -41.03
N ILE D 88 14.48 -20.45 -39.80
CA ILE D 88 15.71 -20.41 -39.04
C ILE D 88 16.13 -21.81 -38.65
N LEU D 89 15.25 -22.48 -37.90
CA LEU D 89 15.52 -23.83 -37.41
C LEU D 89 15.83 -24.80 -38.53
N GLU D 90 15.20 -24.60 -39.68
CA GLU D 90 15.46 -25.41 -40.87
C GLU D 90 16.71 -24.94 -41.60
N GLY D 91 17.31 -23.86 -41.10
CA GLY D 91 18.54 -23.33 -41.67
C GLY D 91 18.48 -22.80 -43.09
N LYS D 92 17.43 -22.05 -43.42
CA LYS D 92 17.30 -21.46 -44.76
C LYS D 92 17.43 -19.93 -44.73
N VAL D 93 18.26 -19.43 -43.82
CA VAL D 93 18.52 -18.00 -43.72
C VAL D 93 20.02 -17.73 -43.81
N GLU D 94 20.39 -16.50 -44.17
CA GLU D 94 21.79 -16.12 -44.27
C GLU D 94 22.33 -15.60 -42.94
N ARG D 95 23.65 -15.59 -42.81
CA ARG D 95 24.31 -14.95 -41.68
C ARG D 95 24.10 -13.43 -41.77
N ASP D 96 23.74 -12.80 -40.65
CA ASP D 96 23.63 -11.35 -40.63
C ASP D 96 24.94 -10.71 -41.06
N PRO D 97 24.86 -9.48 -41.58
CA PRO D 97 26.05 -8.75 -42.03
C PRO D 97 26.98 -8.40 -40.86
N ASP D 98 28.29 -8.37 -41.11
CA ASP D 98 29.23 -7.78 -40.17
C ASP D 98 28.85 -6.32 -40.02
N VAL D 99 28.49 -5.91 -38.80
CA VAL D 99 28.05 -4.53 -38.57
C VAL D 99 28.75 -3.91 -37.37
N ASP D 100 28.50 -2.63 -37.13
CA ASP D 100 29.00 -1.96 -35.94
C ASP D 100 28.71 -2.86 -34.73
N ALA D 101 29.67 -2.94 -33.80
CA ALA D 101 29.55 -3.81 -32.63
C ALA D 101 28.33 -3.51 -31.78
N ARG D 102 27.93 -2.24 -31.73
CA ARG D 102 26.78 -1.84 -30.91
C ARG D 102 25.48 -2.37 -31.50
N ILE D 103 25.48 -2.52 -32.82
CA ILE D 103 24.33 -3.07 -33.53
C ILE D 103 24.33 -4.60 -33.45
N GLN D 104 25.51 -5.20 -33.57
CA GLN D 104 25.64 -6.65 -33.58
C GLN D 104 24.99 -7.24 -32.35
N GLU D 105 25.20 -6.59 -31.21
CA GLU D 105 24.65 -7.05 -29.94
C GLU D 105 23.14 -7.25 -29.97
N MET D 106 22.46 -6.56 -30.88
CA MET D 106 21.00 -6.64 -30.96
C MET D 106 20.58 -7.79 -31.85
N PHE D 107 21.56 -8.52 -32.37
CA PHE D 107 21.27 -9.60 -33.31
C PHE D 107 21.09 -10.95 -32.65
N VAL D 108 20.47 -11.84 -33.41
CA VAL D 108 20.06 -13.15 -32.95
C VAL D 108 21.05 -14.23 -33.36
N ASP D 109 21.52 -15.00 -32.40
CA ASP D 109 22.42 -16.13 -32.67
C ASP D 109 21.60 -17.42 -32.87
N PRO D 110 21.77 -18.08 -34.02
CA PRO D 110 21.03 -19.31 -34.34
C PRO D 110 21.33 -20.48 -33.38
N GLY D 111 22.27 -20.29 -32.46
CA GLY D 111 22.61 -21.32 -31.50
C GLY D 111 21.76 -21.21 -30.25
N ASP D 112 21.00 -20.12 -30.14
CA ASP D 112 20.11 -19.91 -29.01
C ASP D 112 18.72 -20.44 -29.33
N GLU D 113 18.65 -21.74 -29.60
CA GLU D 113 17.40 -22.36 -30.01
C GLU D 113 16.30 -22.44 -28.95
N GLU D 114 16.66 -22.27 -27.67
CA GLU D 114 15.65 -22.27 -26.60
C GLU D 114 14.58 -21.25 -26.96
N PHE D 115 15.03 -20.07 -27.39
CA PHE D 115 14.12 -18.96 -27.72
C PHE D 115 13.17 -19.26 -28.88
N PHE D 116 13.67 -19.95 -29.89
CA PHE D 116 12.86 -20.36 -31.04
C PHE D 116 11.83 -21.45 -30.69
N GLU D 117 12.26 -22.45 -29.93
CA GLU D 117 11.38 -23.54 -29.54
C GLU D 117 10.31 -23.02 -28.58
N SER D 118 10.68 -22.05 -27.75
CA SER D 118 9.75 -21.47 -26.79
C SER D 118 8.66 -20.70 -27.53
N LEU D 119 9.08 -19.91 -28.51
CA LEU D 119 8.18 -19.08 -29.29
C LEU D 119 7.33 -20.03 -30.13
N LEU D 120 7.97 -21.05 -30.68
CA LEU D 120 7.27 -22.10 -31.40
C LEU D 120 6.22 -22.77 -30.53
N GLY D 121 6.51 -22.91 -29.25
CA GLY D 121 5.60 -23.53 -28.31
C GLY D 121 4.37 -22.68 -28.15
N ASP D 122 4.59 -21.37 -27.94
CA ASP D 122 3.52 -20.39 -27.83
C ASP D 122 2.65 -20.36 -29.08
N LEU D 123 3.30 -20.30 -30.23
CA LEU D 123 2.59 -20.26 -31.51
C LEU D 123 1.73 -21.52 -31.78
N CYS D 124 2.28 -22.71 -31.57
CA CYS D 124 1.49 -23.95 -31.69
C CYS D 124 0.30 -23.94 -30.76
N THR D 125 0.55 -23.62 -29.50
CA THR D 125 -0.51 -23.44 -28.52
C THR D 125 -1.58 -22.44 -28.94
N LEU D 126 -1.17 -21.22 -29.28
CA LEU D 126 -2.14 -20.18 -29.61
C LEU D 126 -2.90 -20.58 -30.85
N SER D 127 -2.26 -21.44 -31.63
CA SER D 127 -2.75 -21.79 -32.95
C SER D 127 -3.62 -23.06 -32.88
N GLY D 128 -3.74 -23.63 -31.69
CA GLY D 128 -4.59 -24.79 -31.50
C GLY D 128 -3.91 -26.15 -31.49
N TYR D 129 -2.58 -26.16 -31.52
CA TYR D 129 -1.83 -27.41 -31.47
C TYR D 129 -1.07 -27.55 -30.15
N ARG D 130 -1.80 -27.89 -29.08
CA ARG D 130 -1.24 -27.89 -27.75
C ARG D 130 -0.16 -28.95 -27.54
N GLU D 131 -0.43 -30.17 -27.99
CA GLU D 131 0.53 -31.27 -27.86
C GLU D 131 1.87 -30.95 -28.52
N GLU D 132 1.82 -30.50 -29.79
CA GLU D 132 3.03 -30.10 -30.50
C GLU D 132 3.73 -28.97 -29.75
N GLY D 133 2.94 -28.03 -29.22
CA GLY D 133 3.47 -26.93 -28.44
C GLY D 133 4.27 -27.41 -27.25
N ILE D 134 3.68 -28.34 -26.51
CA ILE D 134 4.34 -28.95 -25.36
C ILE D 134 5.69 -29.55 -25.76
N GLY D 135 5.72 -30.17 -26.93
CA GLY D 135 6.95 -30.72 -27.47
C GLY D 135 8.03 -29.67 -27.71
N HIS D 136 7.64 -28.48 -28.18
CA HIS D 136 8.61 -27.40 -28.32
C HIS D 136 9.04 -26.91 -26.93
N TYR D 137 8.08 -26.76 -26.03
CA TYR D 137 8.40 -26.34 -24.67
C TYR D 137 9.39 -27.32 -24.04
N VAL D 138 9.15 -28.62 -24.27
CA VAL D 138 10.02 -29.65 -23.71
C VAL D 138 11.41 -29.51 -24.30
N ARG D 139 11.48 -29.38 -25.62
CA ARG D 139 12.76 -29.25 -26.30
C ARG D 139 13.50 -27.95 -25.89
N SER D 140 12.75 -26.89 -25.70
CA SER D 140 13.31 -25.65 -25.19
C SER D 140 13.87 -25.82 -23.79
N PHE D 141 13.06 -26.40 -22.90
CA PHE D 141 13.44 -26.49 -21.49
C PHE D 141 14.69 -27.36 -21.35
N GLY D 142 14.84 -28.31 -22.27
CA GLY D 142 16.01 -29.16 -22.30
C GLY D 142 17.32 -28.40 -22.47
N LYS D 143 17.26 -27.23 -23.08
CA LYS D 143 18.47 -26.44 -23.26
C LYS D 143 18.67 -25.40 -22.16
N SER D 144 17.58 -24.81 -21.68
CA SER D 144 17.70 -23.64 -20.84
C SER D 144 16.36 -23.23 -20.24
N PHE D 145 16.42 -22.67 -19.02
CA PHE D 145 15.24 -22.13 -18.37
C PHE D 145 14.73 -20.92 -19.13
N LEU D 146 13.47 -20.99 -19.57
CA LEU D 146 12.72 -19.83 -20.03
C LEU D 146 11.33 -19.89 -19.38
N PHE D 147 10.72 -18.73 -19.22
CA PHE D 147 9.48 -18.60 -18.47
C PHE D 147 8.30 -19.35 -19.09
N SER D 148 8.12 -19.23 -20.39
CA SER D 148 6.94 -19.80 -21.02
C SER D 148 6.93 -21.34 -21.08
N PRO D 149 8.07 -21.94 -21.41
CA PRO D 149 8.13 -23.41 -21.37
C PRO D 149 7.92 -23.96 -19.95
N VAL D 150 8.65 -23.37 -19.00
CA VAL D 150 8.53 -23.74 -17.60
C VAL D 150 7.09 -23.62 -17.07
N GLU D 151 6.48 -22.46 -17.23
CA GLU D 151 5.12 -22.27 -16.69
C GLU D 151 4.06 -23.16 -17.36
N ASN D 152 4.25 -23.48 -18.63
CA ASN D 152 3.30 -24.28 -19.37
C ASN D 152 3.51 -25.75 -19.07
N LEU D 153 4.77 -26.12 -18.87
CA LEU D 153 5.08 -27.50 -18.56
C LEU D 153 4.65 -27.83 -17.13
N LEU D 154 4.84 -26.89 -16.21
CA LEU D 154 4.36 -27.09 -14.84
C LEU D 154 2.83 -27.18 -14.89
N LEU D 155 2.21 -26.22 -15.57
CA LEU D 155 0.75 -26.22 -15.71
C LEU D 155 0.19 -27.57 -16.19
N GLU D 156 0.87 -28.18 -17.15
CA GLU D 156 0.47 -29.46 -17.71
C GLU D 156 1.03 -30.67 -16.96
N ASN D 157 1.78 -30.41 -15.88
CA ASN D 157 2.49 -31.45 -15.15
C ASN D 157 3.41 -32.26 -16.08
N LYS D 158 3.69 -31.70 -17.25
CA LYS D 158 4.52 -32.40 -18.23
C LYS D 158 5.98 -31.94 -18.25
N VAL D 159 6.45 -31.42 -17.13
CA VAL D 159 7.86 -31.08 -16.99
C VAL D 159 8.69 -32.36 -16.87
N PRO D 160 9.79 -32.44 -17.65
CA PRO D 160 10.69 -33.60 -17.68
C PRO D 160 11.59 -33.68 -16.46
N GLN D 161 11.54 -34.80 -15.75
CA GLN D 161 12.32 -35.00 -14.54
C GLN D 161 13.32 -36.16 -14.67
N LYS D 162 14.39 -36.08 -13.87
CA LYS D 162 15.41 -37.11 -13.85
C LYS D 162 14.91 -38.34 -13.11
N ARG D 163 15.77 -38.94 -12.28
CA ARG D 163 15.41 -40.15 -11.53
C ARG D 163 16.29 -40.36 -10.30
N GLY D 175 20.65 -23.51 -10.23
CA GLY D 175 20.17 -22.15 -10.23
C GLY D 175 19.00 -21.95 -9.27
N ILE D 176 18.75 -20.70 -8.90
CA ILE D 176 17.61 -20.38 -8.05
C ILE D 176 16.34 -20.68 -8.83
N GLU D 177 16.37 -20.47 -10.15
CA GLU D 177 15.20 -20.76 -10.96
C GLU D 177 14.98 -22.28 -11.06
N GLU D 178 16.07 -23.04 -11.12
CA GLU D 178 15.96 -24.49 -11.26
C GLU D 178 15.46 -25.11 -9.95
N GLU D 179 15.79 -24.48 -8.84
CA GLU D 179 15.20 -24.81 -7.56
C GLU D 179 13.71 -24.48 -7.49
N TYR D 180 13.31 -23.36 -8.12
CA TYR D 180 11.92 -22.95 -8.19
C TYR D 180 11.10 -24.00 -8.94
N VAL D 181 11.68 -24.55 -9.99
CA VAL D 181 11.03 -25.59 -10.76
C VAL D 181 10.94 -26.87 -9.91
N SER D 182 12.04 -27.23 -9.25
CA SER D 182 12.03 -28.41 -8.40
C SER D 182 10.92 -28.33 -7.36
N ASP D 183 10.84 -27.19 -6.68
CA ASP D 183 9.83 -26.99 -5.63
C ASP D 183 8.43 -27.10 -6.21
N SER D 184 8.24 -26.53 -7.40
CA SER D 184 6.95 -26.54 -8.10
C SER D 184 6.54 -27.95 -8.49
N ILE D 185 7.48 -28.74 -9.01
CA ILE D 185 7.18 -30.12 -9.30
C ILE D 185 6.75 -30.82 -8.00
N GLU D 186 7.52 -30.62 -6.94
CA GLU D 186 7.27 -31.30 -5.68
C GLU D 186 5.93 -30.89 -5.10
N PHE D 187 5.65 -29.59 -5.09
CA PHE D 187 4.44 -29.11 -4.46
C PHE D 187 3.21 -29.60 -5.20
N HIS D 188 3.33 -29.75 -6.52
CA HIS D 188 2.21 -30.22 -7.31
C HIS D 188 1.73 -31.57 -6.82
N GLU D 189 2.66 -32.48 -6.54
CA GLU D 189 2.32 -33.84 -6.11
C GLU D 189 2.27 -34.02 -4.59
N SER D 190 2.69 -33.01 -3.82
CA SER D 190 2.73 -33.17 -2.37
C SER D 190 1.91 -32.12 -1.63
N LEU D 191 1.64 -31.00 -2.29
CA LEU D 191 0.94 -29.88 -1.65
C LEU D 191 1.63 -29.42 -0.38
N SER D 192 2.96 -29.57 -0.37
CA SER D 192 3.80 -29.31 0.81
C SER D 192 3.62 -27.90 1.41
N PRO D 193 3.07 -27.82 2.65
CA PRO D 193 2.83 -26.56 3.36
C PRO D 193 4.12 -25.87 3.77
N SER D 194 5.20 -26.64 3.90
CA SER D 194 6.52 -26.06 4.16
C SER D 194 7.02 -25.29 2.93
N LEU D 195 6.64 -25.77 1.75
CA LEU D 195 7.01 -25.13 0.50
C LEU D 195 6.28 -23.80 0.34
N VAL D 196 4.97 -23.83 0.61
CA VAL D 196 4.13 -22.64 0.59
C VAL D 196 4.62 -21.54 1.52
N LYS D 197 4.97 -21.94 2.73
CA LYS D 197 5.47 -21.02 3.75
C LYS D 197 6.83 -20.47 3.35
N LYS D 198 7.66 -21.31 2.75
CA LYS D 198 8.96 -20.89 2.25
C LYS D 198 8.87 -19.73 1.22
N TYR D 199 7.94 -19.86 0.27
CA TYR D 199 7.79 -18.87 -0.80
C TYR D 199 6.87 -17.71 -0.42
N MET D 200 6.22 -17.85 0.73
CA MET D 200 5.31 -16.84 1.25
C MET D 200 6.08 -15.58 1.64
N GLU D 201 7.33 -15.78 2.04
CA GLU D 201 8.21 -14.66 2.42
C GLU D 201 8.73 -13.81 1.24
N HIS D 202 8.61 -14.32 0.02
CA HIS D 202 9.12 -13.59 -1.16
C HIS D 202 8.01 -13.12 -2.08
N VAL D 203 7.06 -12.39 -1.49
CA VAL D 203 5.95 -11.77 -2.21
C VAL D 203 5.90 -10.31 -1.79
N PRO D 204 6.16 -9.39 -2.72
CA PRO D 204 6.41 -9.64 -4.14
C PRO D 204 7.75 -10.29 -4.41
N GLY D 205 7.83 -11.05 -5.50
CA GLY D 205 9.06 -11.70 -5.90
C GLY D 205 8.78 -13.07 -6.47
N ILE D 206 9.75 -13.96 -6.38
CA ILE D 206 9.59 -15.34 -6.84
C ILE D 206 8.38 -16.02 -6.18
N GLY D 207 8.07 -15.61 -4.96
CA GLY D 207 6.96 -16.20 -4.25
C GLY D 207 5.64 -15.92 -4.93
N SER D 208 5.58 -14.78 -5.61
CA SER D 208 4.34 -14.37 -6.28
C SER D 208 3.93 -15.41 -7.32
N TYR D 209 4.94 -15.89 -8.06
CA TYR D 209 4.72 -16.97 -9.02
C TYR D 209 4.36 -18.29 -8.30
N PHE D 210 5.21 -18.72 -7.40
CA PHE D 210 4.97 -19.98 -6.67
C PHE D 210 3.60 -20.05 -6.03
N ILE D 211 3.28 -19.07 -5.19
CA ILE D 211 2.00 -19.01 -4.52
C ILE D 211 0.82 -18.93 -5.50
N SER D 212 1.03 -18.21 -6.60
CA SER D 212 0.02 -18.10 -7.63
C SER D 212 -0.22 -19.40 -8.31
N ASN D 213 0.84 -20.14 -8.60
CA ASN D 213 0.69 -21.50 -9.12
C ASN D 213 -0.01 -22.39 -8.09
N ALA D 214 0.40 -22.26 -6.83
CA ALA D 214 -0.17 -23.01 -5.72
C ALA D 214 -1.68 -22.88 -5.74
N ALA D 215 -2.14 -21.63 -5.77
CA ALA D 215 -3.55 -21.30 -5.72
C ALA D 215 -4.32 -22.01 -6.84
N ARG D 216 -3.66 -22.13 -7.98
CA ARG D 216 -4.24 -22.80 -9.14
C ARG D 216 -4.36 -24.30 -8.95
N ARG D 217 -3.31 -24.91 -8.43
CA ARG D 217 -3.31 -26.34 -8.14
C ARG D 217 -4.43 -26.64 -7.16
N TYR D 218 -4.54 -25.82 -6.13
CA TYR D 218 -5.55 -26.04 -5.10
C TYR D 218 -6.95 -26.05 -5.71
N PHE D 219 -7.21 -25.12 -6.61
CA PHE D 219 -8.51 -25.06 -7.23
C PHE D 219 -8.82 -26.34 -8.01
N ASN D 220 -7.89 -26.73 -8.89
CA ASN D 220 -8.00 -27.99 -9.63
C ASN D 220 -8.24 -29.22 -8.75
N LEU D 221 -7.90 -29.13 -7.47
CA LEU D 221 -8.11 -30.26 -6.57
C LEU D 221 -9.42 -30.12 -5.77
N GLY D 222 -10.13 -29.02 -6.02
CA GLY D 222 -11.38 -28.74 -5.34
C GLY D 222 -11.22 -28.09 -3.98
N MET D 223 -9.97 -27.98 -3.53
CA MET D 223 -9.67 -27.34 -2.24
C MET D 223 -9.77 -25.82 -2.41
N ASN D 224 -11.00 -25.33 -2.49
CA ASN D 224 -11.24 -23.92 -2.75
C ASN D 224 -10.81 -23.01 -1.61
N ASP D 225 -10.80 -23.55 -0.40
CA ASP D 225 -10.43 -22.78 0.78
C ASP D 225 -8.97 -22.29 0.68
N LYS D 226 -8.06 -23.23 0.48
CA LYS D 226 -6.64 -22.91 0.37
C LYS D 226 -6.39 -22.10 -0.91
N SER D 227 -7.12 -22.45 -1.95
CA SER D 227 -7.00 -21.76 -3.23
C SER D 227 -7.18 -20.25 -3.09
N LYS D 228 -8.24 -19.85 -2.37
CA LYS D 228 -8.53 -18.44 -2.15
C LYS D 228 -7.55 -17.79 -1.19
N ALA D 229 -7.13 -18.54 -0.16
CA ALA D 229 -6.12 -18.06 0.76
C ALA D 229 -4.88 -17.61 -0.03
N CYS D 230 -4.35 -18.52 -0.85
CA CYS D 230 -3.18 -18.24 -1.67
C CYS D 230 -3.38 -17.04 -2.61
N PHE D 231 -4.49 -17.01 -3.33
CA PHE D 231 -4.79 -15.90 -4.24
C PHE D 231 -4.91 -14.61 -3.44
N GLU D 232 -5.65 -14.64 -2.34
CA GLU D 232 -5.83 -13.47 -1.51
C GLU D 232 -4.47 -12.90 -1.07
N LEU D 233 -3.56 -13.78 -0.65
CA LEU D 233 -2.24 -13.34 -0.21
C LEU D 233 -1.59 -12.46 -1.26
N VAL D 234 -1.45 -13.00 -2.46
CA VAL D 234 -0.82 -12.28 -3.56
C VAL D 234 -1.60 -11.02 -3.96
N ARG D 235 -2.93 -11.11 -3.95
CA ARG D 235 -3.78 -9.95 -4.24
C ARG D 235 -3.45 -8.77 -3.32
N ARG D 236 -3.02 -9.06 -2.08
CA ARG D 236 -2.71 -8.01 -1.12
C ARG D 236 -1.24 -7.58 -1.11
N LYS D 237 -0.32 -8.53 -1.08
CA LYS D 237 1.12 -8.23 -1.04
C LYS D 237 1.68 -7.88 -2.43
N ASP D 238 0.88 -8.09 -3.46
CA ASP D 238 1.32 -7.84 -4.83
C ASP D 238 0.14 -7.77 -5.78
N PRO D 239 -0.77 -6.81 -5.54
CA PRO D 239 -2.08 -6.74 -6.22
C PRO D 239 -1.90 -6.62 -7.71
N MET D 240 -0.82 -6.01 -8.14
N MET D 240 -0.79 -6.02 -8.08
CA MET D 240 -0.62 -5.72 -9.55
CA MET D 240 -0.45 -5.66 -9.45
C MET D 240 0.12 -6.84 -10.29
C MET D 240 0.03 -6.86 -10.26
N PHE D 241 0.43 -7.92 -9.57
CA PHE D 241 1.11 -9.07 -10.17
C PHE D 241 0.53 -9.81 -11.40
N LEU D 242 1.45 -10.39 -12.16
CA LEU D 242 1.12 -10.99 -13.46
C LEU D 242 0.16 -10.13 -14.29
C1 GOL E . -21.96 2.80 35.17
O1 GOL E . -22.87 3.45 34.30
C2 GOL E . -22.13 1.29 35.07
O2 GOL E . -22.20 0.96 33.69
C3 GOL E . -20.94 0.54 35.68
O3 GOL E . -20.73 0.85 37.04
CL CL F . -4.50 2.81 26.79
C1 GOL G . -18.06 -15.36 37.08
O1 GOL G . -17.02 -15.00 36.19
C2 GOL G . -17.84 -14.65 38.41
O2 GOL G . -17.04 -13.51 38.20
C3 GOL G . -19.18 -14.23 38.98
O3 GOL G . -19.70 -15.28 39.77
C1 GOL H . 0.87 -20.33 35.13
O1 GOL H . 1.17 -19.22 35.94
C2 GOL H . -0.55 -20.19 34.61
O2 GOL H . -0.70 -21.09 33.55
C3 GOL H . -1.53 -20.62 35.69
O3 GOL H . -2.73 -19.88 35.55
S SO4 I . 0.73 -1.85 -35.99
O1 SO4 I . -0.43 -1.20 -35.38
O2 SO4 I . 1.95 -1.39 -35.33
O3 SO4 I . 0.60 -3.30 -35.87
O4 SO4 I . 0.81 -1.49 -37.41
#